data_5KXA
#
_entry.id   5KXA
#
_cell.length_a   55.100
_cell.length_b   55.506
_cell.length_c   70.075
_cell.angle_alpha   71.56
_cell.angle_beta   79.75
_cell.angle_gamma   81.09
#
_symmetry.space_group_name_H-M   'P 1'
#
loop_
_entity.id
_entity.type
_entity.pdbx_description
1 polymer 'Ectonucleotide pyrophosphatase/phosphodiesterase family member 2'
2 non-polymer 2-acetamido-2-deoxy-beta-D-glucopyranose
3 non-polymer 'ZINC ION'
4 non-polymer 'CALCIUM ION'
5 non-polymer '3-[6-chloranyl-2-cyclopropyl-1-(1-ethylpyrazol-4-yl)-7-fluoranyl-indol-3-yl]sulfanyl-2-fluoranyl-benzoic acid'
6 non-polymer 'PHOSPHATE ION'
7 water water
#
_entity_poly.entity_id   1
_entity_poly.type   'polypeptide(L)'
_entity_poly.pdbx_seq_one_letter_code
;MARRSSFQSCQIISLFTFAVGVNICLGFTAHRIKRAEGWEEGPPTVLSDSPWTAISGSCKGRCFELQEAGPPDCRCDNLC
KSYTSCCHDFDELCLKTARGWECTKDRCGEVRNEENACHCSEDCLARGDCCTNYQVVCKGESHWVDDDCEEIKAAECPAG
FVRPPLIIFSVDGFRASYMKKGSKVMPNIEKLRSCGTHSPYMRPVYPTKTFPNLYTLATGLYPESHGIVGNSMYDPVFDA
TFHLRGREKFNHRWWGGQPLWITATKQGVKAGTFFWSVVIPHERRILTILQWLTLPDHERPSVYAFYSEQPDFSGHKYGP
FGPEMTNPLREIDKIVGQLMDGLKQLKLHRCVNVIFVGDHGMEDVTCDRTEFLSNYLTNVDDITLVPGTLGRIRSKFSNN
AKYDPKAIIAALTCKKPDQHFKPYLKQHLPKRLHYANNRRIEDIHLLVERRWHVARKPLDVYKKPSGKCFFQGDHGFDNK
VNSMQTVFVGYGSTFKYKTKVPPFENIELYNVMCDLLGLKPAPNNGTHGSLNHLLRTNTFRPTMPEEVTRPNYPGIMYLQ
SDFDLGCTCDDKVEPKNKLDELNKRLHTKGSTEERHLLYGRPAVLYRTRYDILYHTDFESGYSEIFLMPLWTSYTVSKQA
EVSSVPDHLTSCVRPDVRVSPSFSQNCLAYKNDKQMSYGFLFPPYLSSSPEAKYDAFLVTNMVPMYPAFKRVWNYFQRVL
VKKYASERNGVNVISGPIFDYDYDGLHDTEDKIKQYVEGSSIPVPTHYYSIITSCLDFTQPADKCDGPLSVSSFILPHRP
DNEESCNSSEDESKWVEELMKMHTARVRDIEHLTSLDFFRKTSRSYPEILTLKTYLHTYESEI
;
_entity_poly.pdbx_strand_id   A
#
# COMPACT_ATOMS: atom_id res chain seq x y z
N GLY A 57 7.47 -41.74 18.44
CA GLY A 57 8.41 -40.83 19.15
C GLY A 57 7.73 -40.11 20.29
N SER A 58 8.47 -39.20 20.91
CA SER A 58 7.98 -38.42 22.04
C SER A 58 8.66 -37.05 22.02
N CYS A 59 7.98 -36.05 22.56
CA CYS A 59 8.52 -34.67 22.55
C CYS A 59 9.34 -34.34 23.79
N LYS A 60 9.57 -35.36 24.63
CA LYS A 60 10.45 -35.28 25.77
C LYS A 60 11.73 -34.55 25.42
N GLY A 61 11.95 -33.40 26.05
CA GLY A 61 13.17 -32.58 25.79
C GLY A 61 13.26 -31.98 24.40
N ARG A 62 12.10 -31.74 23.79
CA ARG A 62 12.06 -31.32 22.40
C ARG A 62 11.01 -30.24 22.09
N CYS A 63 10.47 -29.57 23.12
CA CYS A 63 9.30 -28.74 22.87
C CYS A 63 9.74 -27.45 22.22
N PHE A 64 9.04 -27.13 21.12
CA PHE A 64 9.27 -25.95 20.31
C PHE A 64 10.67 -25.93 19.77
N GLU A 65 11.10 -27.09 19.27
CA GLU A 65 12.39 -27.23 18.58
C GLU A 65 12.36 -26.57 17.23
N LEU A 66 13.55 -26.32 16.70
CA LEU A 66 13.73 -25.65 15.40
C LEU A 66 14.10 -26.64 14.26
N GLN A 67 13.13 -27.46 13.83
CA GLN A 67 13.15 -28.19 12.52
C GLN A 67 11.93 -29.13 12.43
N CYS A 74 8.18 -38.19 14.07
CA CYS A 74 7.11 -37.44 14.74
C CYS A 74 7.52 -36.00 15.18
N ARG A 75 6.65 -35.02 14.97
CA ARG A 75 6.99 -33.59 15.11
C ARG A 75 6.75 -32.98 16.51
N CYS A 76 7.52 -31.96 16.84
CA CYS A 76 7.40 -31.24 18.11
C CYS A 76 7.68 -29.71 18.02
N ASP A 77 7.55 -29.14 16.83
CA ASP A 77 7.68 -27.69 16.60
C ASP A 77 6.32 -26.98 16.68
N ASN A 78 6.37 -25.64 16.57
CA ASN A 78 5.18 -24.82 16.74
C ASN A 78 4.07 -25.07 15.74
N LEU A 79 4.39 -25.47 14.49
CA LEU A 79 3.32 -25.75 13.53
C LEU A 79 2.74 -27.16 13.54
N CYS A 80 3.34 -28.08 14.29
CA CYS A 80 3.00 -29.51 14.17
C CYS A 80 1.53 -29.83 14.28
N LYS A 81 0.81 -29.05 15.07
CA LYS A 81 -0.66 -29.15 15.15
C LYS A 81 -1.34 -28.99 13.78
N SER A 82 -0.85 -28.02 13.01
CA SER A 82 -1.47 -27.72 11.72
C SER A 82 -1.44 -28.92 10.78
N TYR A 83 -0.41 -29.72 10.83
CA TYR A 83 -0.39 -30.85 9.98
C TYR A 83 -0.87 -32.10 10.67
N THR A 84 -1.50 -31.98 11.81
CA THR A 84 -1.99 -33.13 12.53
C THR A 84 -0.84 -34.11 12.70
N SER A 85 0.25 -33.62 13.28
CA SER A 85 1.41 -34.44 13.41
C SER A 85 2.24 -34.32 14.66
N CYS A 86 1.76 -33.62 15.66
CA CYS A 86 2.51 -33.48 16.89
C CYS A 86 2.46 -34.83 17.70
N CYS A 87 3.52 -35.23 18.39
CA CYS A 87 3.54 -36.50 19.14
C CYS A 87 2.41 -36.72 20.19
N HIS A 88 2.11 -37.95 20.64
CA HIS A 88 1.00 -38.14 21.60
C HIS A 88 1.11 -37.25 22.84
N ASP A 89 2.32 -37.06 23.34
CA ASP A 89 2.57 -36.24 24.53
C ASP A 89 2.99 -34.79 24.21
N PHE A 90 2.57 -34.27 23.06
CA PHE A 90 2.87 -32.88 22.73
C PHE A 90 2.20 -32.02 23.78
N ASP A 91 0.91 -32.20 23.94
CA ASP A 91 0.11 -31.36 24.82
C ASP A 91 0.60 -31.40 26.23
N GLU A 92 0.78 -32.62 26.74
CA GLU A 92 1.16 -32.90 28.12
C GLU A 92 2.44 -32.17 28.51
N LEU A 93 3.42 -32.23 27.64
CA LEU A 93 4.75 -31.66 27.88
C LEU A 93 4.96 -30.22 27.36
N CYS A 94 4.37 -29.91 26.20
CA CYS A 94 4.63 -28.67 25.52
C CYS A 94 3.58 -27.61 25.83
N LEU A 95 2.31 -28.02 26.01
CA LEU A 95 1.23 -27.09 26.40
C LEU A 95 0.83 -27.26 27.86
N LYS A 96 1.66 -26.75 28.74
CA LYS A 96 1.45 -26.95 30.17
C LYS A 96 0.68 -25.74 30.66
N THR A 97 -0.41 -25.96 31.40
CA THR A 97 -1.30 -24.88 31.84
C THR A 97 -1.39 -24.69 33.36
N ALA A 98 -0.64 -25.47 34.12
CA ALA A 98 -0.80 -25.52 35.59
C ALA A 98 -0.43 -24.21 36.31
N ARG A 99 -1.33 -23.75 37.16
CA ARG A 99 -1.09 -22.59 38.05
C ARG A 99 -0.93 -21.26 37.29
N GLY A 100 -1.49 -21.18 36.08
CA GLY A 100 -1.56 -19.94 35.31
C GLY A 100 -0.22 -19.42 34.83
N TRP A 101 -0.19 -18.16 34.44
CA TRP A 101 0.94 -17.54 33.76
C TRP A 101 1.69 -16.47 34.54
N GLU A 102 1.17 -16.09 35.71
CA GLU A 102 1.79 -15.08 36.57
C GLU A 102 2.37 -15.77 37.80
N CYS A 103 3.56 -15.35 38.22
CA CYS A 103 3.99 -15.71 39.57
C CYS A 103 3.14 -14.94 40.57
N THR A 104 3.05 -15.48 41.79
CA THR A 104 2.32 -14.85 42.91
C THR A 104 3.07 -15.13 44.20
N LYS A 105 2.96 -14.21 45.17
CA LYS A 105 3.69 -14.23 46.47
C LYS A 105 3.97 -15.62 47.05
N ASP A 106 2.94 -16.48 47.05
CA ASP A 106 3.06 -17.86 47.55
C ASP A 106 4.15 -18.71 46.90
N ARG A 107 4.49 -18.39 45.64
CA ARG A 107 5.42 -19.20 44.83
C ARG A 107 6.89 -18.73 44.83
N CYS A 108 7.23 -17.63 45.50
CA CYS A 108 8.63 -17.23 45.50
C CYS A 108 9.35 -18.24 46.36
N GLY A 109 10.43 -18.80 45.84
CA GLY A 109 11.31 -19.72 46.57
C GLY A 109 10.96 -21.19 46.44
N GLU A 110 10.10 -21.53 45.48
CA GLU A 110 9.62 -22.89 45.33
C GLU A 110 10.69 -23.77 44.73
N VAL A 111 10.49 -25.07 44.85
CA VAL A 111 11.24 -26.04 44.04
C VAL A 111 10.58 -26.09 42.67
N ARG A 112 11.36 -26.40 41.65
CA ARG A 112 10.83 -26.56 40.31
C ARG A 112 9.81 -27.71 40.33
N ASN A 113 8.66 -27.50 39.67
CA ASN A 113 7.72 -28.58 39.38
C ASN A 113 7.36 -28.63 37.87
N GLU A 114 7.55 -29.81 37.29
CA GLU A 114 7.42 -30.08 35.87
C GLU A 114 6.03 -29.80 35.29
N GLU A 115 4.95 -30.02 36.05
CA GLU A 115 3.56 -29.76 35.56
C GLU A 115 3.27 -28.25 35.26
N ASN A 116 4.00 -27.34 35.94
CA ASN A 116 3.69 -25.90 35.89
C ASN A 116 3.80 -25.28 34.49
N ALA A 117 3.12 -24.16 34.31
CA ALA A 117 3.01 -23.48 33.04
C ALA A 117 4.25 -22.65 32.78
N CYS A 118 4.77 -22.08 33.87
CA CYS A 118 5.99 -21.31 33.87
C CYS A 118 6.43 -21.28 35.33
N HIS A 119 7.64 -20.80 35.61
CA HIS A 119 8.25 -21.10 36.91
C HIS A 119 8.58 -19.85 37.69
N CYS A 120 8.72 -20.00 39.01
CA CYS A 120 9.07 -18.91 39.94
C CYS A 120 10.14 -19.34 40.95
N SER A 121 11.03 -20.23 40.51
CA SER A 121 12.16 -20.69 41.31
C SER A 121 13.40 -19.96 40.78
N GLU A 122 14.51 -19.96 41.52
CA GLU A 122 15.72 -19.21 41.09
C GLU A 122 16.28 -19.71 39.74
N ASP A 123 16.28 -21.03 39.53
CA ASP A 123 16.82 -21.70 38.31
C ASP A 123 16.13 -21.32 36.98
N CYS A 124 14.94 -20.75 37.05
CA CYS A 124 14.22 -20.41 35.84
C CYS A 124 14.96 -19.43 34.94
N LEU A 125 15.70 -18.47 35.51
CA LEU A 125 16.26 -17.36 34.72
C LEU A 125 17.24 -17.81 33.62
N ALA A 126 18.19 -18.66 33.99
CA ALA A 126 19.03 -19.35 33.02
C ALA A 126 18.16 -20.21 32.11
N ARG A 127 17.51 -21.23 32.69
CA ARG A 127 16.64 -22.14 31.91
C ARG A 127 15.79 -21.38 30.88
N GLY A 128 15.44 -20.12 31.19
CA GLY A 128 14.75 -19.20 30.27
C GLY A 128 13.25 -19.07 30.50
N ASP A 129 12.71 -19.86 31.43
CA ASP A 129 11.28 -20.10 31.52
C ASP A 129 10.58 -19.64 32.82
N CYS A 130 11.03 -18.53 33.41
CA CYS A 130 10.26 -17.94 34.51
C CYS A 130 9.00 -17.34 33.94
N CYS A 131 7.97 -17.21 34.78
CA CYS A 131 6.76 -16.50 34.36
C CYS A 131 7.18 -15.05 34.19
N THR A 132 6.63 -14.38 33.20
CA THR A 132 7.18 -13.07 32.80
C THR A 132 7.21 -12.03 33.92
N ASN A 133 6.45 -12.23 35.00
CA ASN A 133 6.47 -11.31 36.19
C ASN A 133 7.14 -11.88 37.46
N TYR A 134 7.93 -12.93 37.32
CA TYR A 134 8.63 -13.56 38.45
C TYR A 134 9.47 -12.51 39.14
N GLN A 135 10.27 -11.81 38.34
CA GLN A 135 11.14 -10.75 38.83
C GLN A 135 10.37 -9.61 39.48
N VAL A 136 9.13 -9.36 39.05
CA VAL A 136 8.34 -8.28 39.64
C VAL A 136 7.88 -8.66 41.03
N VAL A 137 7.23 -9.82 41.09
CA VAL A 137 6.54 -10.33 42.26
C VAL A 137 7.50 -10.78 43.37
N CYS A 138 8.61 -11.41 42.96
CA CYS A 138 9.53 -12.07 43.88
C CYS A 138 10.83 -11.33 44.19
N LYS A 139 11.41 -10.61 43.22
CA LYS A 139 12.66 -9.88 43.48
C LYS A 139 12.51 -8.37 43.51
N GLY A 140 11.31 -7.89 43.76
CA GLY A 140 11.08 -6.44 43.88
C GLY A 140 10.96 -5.61 42.60
N GLU A 141 11.48 -6.13 41.50
CA GLU A 141 11.55 -5.34 40.24
C GLU A 141 10.21 -4.82 39.72
N SER A 142 10.29 -3.76 38.93
CA SER A 142 9.09 -3.15 38.39
C SER A 142 8.71 -3.78 37.05
N HIS A 143 7.44 -3.64 36.69
CA HIS A 143 7.02 -3.87 35.32
C HIS A 143 7.71 -2.85 34.41
N TRP A 144 8.09 -3.32 33.22
CA TRP A 144 8.51 -2.47 32.13
C TRP A 144 7.61 -1.25 31.96
N VAL A 145 6.31 -1.44 31.69
CA VAL A 145 5.33 -0.31 31.68
C VAL A 145 5.55 0.77 32.75
N ASP A 146 5.79 0.35 33.99
CA ASP A 146 6.01 1.29 35.12
C ASP A 146 7.27 2.18 34.91
N ASP A 147 8.25 1.69 34.15
CA ASP A 147 9.54 2.41 33.98
C ASP A 147 9.54 3.62 33.01
N ASP A 148 10.42 4.57 33.31
CA ASP A 148 10.53 5.82 32.53
C ASP A 148 11.04 5.58 31.12
N CYS A 149 10.62 6.46 30.21
CA CYS A 149 11.16 6.49 28.85
C CYS A 149 12.67 6.84 28.91
N GLU A 150 13.53 5.91 28.47
CA GLU A 150 14.99 6.12 28.36
C GLU A 150 15.42 5.87 26.90
N GLU A 151 16.22 6.79 26.35
CA GLU A 151 16.74 6.65 24.98
C GLU A 151 17.67 5.46 24.82
N ILE A 152 17.51 4.74 23.71
CA ILE A 152 18.39 3.62 23.39
C ILE A 152 19.21 4.08 22.23
N LYS A 153 20.41 4.59 22.55
CA LYS A 153 21.37 5.12 21.54
C LYS A 153 22.34 4.06 20.98
N ALA A 154 22.23 2.81 21.47
CA ALA A 154 23.06 1.70 20.99
C ALA A 154 22.44 0.39 21.47
N ALA A 155 22.38 -0.63 20.61
CA ALA A 155 21.78 -1.92 20.98
C ALA A 155 22.55 -2.59 22.13
N GLU A 156 22.02 -2.47 23.34
CA GLU A 156 22.62 -3.12 24.51
C GLU A 156 22.28 -4.59 24.48
N CYS A 157 23.10 -5.36 23.77
CA CYS A 157 22.88 -6.80 23.64
C CYS A 157 23.97 -7.58 24.41
N PRO A 158 23.72 -8.88 24.70
CA PRO A 158 24.76 -9.73 25.24
C PRO A 158 25.77 -10.08 24.18
N ALA A 159 26.81 -10.80 24.61
CA ALA A 159 27.91 -11.24 23.74
C ALA A 159 27.39 -12.14 22.64
N GLY A 160 28.04 -12.12 21.48
CA GLY A 160 27.64 -12.96 20.37
C GLY A 160 26.26 -12.68 19.78
N PHE A 161 25.64 -11.56 20.12
CA PHE A 161 24.47 -11.08 19.40
C PHE A 161 25.02 -10.21 18.28
N VAL A 162 25.04 -10.74 17.06
CA VAL A 162 25.59 -9.99 15.91
C VAL A 162 24.69 -8.80 15.66
N ARG A 163 23.40 -9.06 15.74
CA ARG A 163 22.38 -8.10 15.35
C ARG A 163 21.34 -8.02 16.46
N PRO A 164 20.81 -6.80 16.71
CA PRO A 164 19.57 -6.61 17.49
C PRO A 164 18.46 -7.52 16.93
N PRO A 165 18.05 -8.58 17.65
CA PRO A 165 16.94 -9.40 17.09
C PRO A 165 15.64 -8.60 16.86
N LEU A 166 14.70 -9.15 16.09
CA LEU A 166 13.52 -8.42 15.67
C LEU A 166 12.30 -9.27 15.89
N ILE A 167 11.28 -8.64 16.49
CA ILE A 167 10.00 -9.26 16.81
C ILE A 167 8.82 -8.48 16.17
N ILE A 168 8.21 -9.06 15.13
CA ILE A 168 7.03 -8.50 14.51
C ILE A 168 5.79 -8.97 15.28
N PHE A 169 5.04 -8.01 15.83
CA PHE A 169 3.86 -8.27 16.63
C PHE A 169 2.61 -7.82 15.87
N SER A 170 2.09 -8.76 15.07
CA SER A 170 0.84 -8.55 14.30
C SER A 170 -0.34 -8.56 15.21
N VAL A 171 -1.26 -7.64 14.95
CA VAL A 171 -2.58 -7.65 15.54
C VAL A 171 -3.58 -7.58 14.37
N ASP A 172 -4.65 -8.35 14.47
CA ASP A 172 -5.66 -8.42 13.43
C ASP A 172 -6.79 -7.42 13.65
N GLY A 173 -7.19 -6.72 12.59
CA GLY A 173 -8.27 -5.74 12.68
C GLY A 173 -8.06 -4.63 13.69
N PHE A 174 -6.80 -4.23 13.90
CA PHE A 174 -6.46 -3.09 14.78
C PHE A 174 -6.56 -1.71 14.10
N ARG A 175 -7.74 -1.13 14.15
CA ARG A 175 -8.01 0.21 13.67
C ARG A 175 -7.12 1.29 14.28
N ALA A 176 -6.65 2.24 13.46
CA ALA A 176 -5.71 3.26 13.96
C ALA A 176 -6.39 4.16 15.00
N SER A 177 -7.66 4.44 14.81
CA SER A 177 -8.43 5.07 15.89
C SER A 177 -8.35 4.37 17.25
N TYR A 178 -8.19 3.03 17.31
CA TYR A 178 -8.14 2.36 18.64
C TYR A 178 -7.07 2.94 19.59
N MET A 179 -6.04 3.56 19.00
CA MET A 179 -5.00 4.19 19.77
C MET A 179 -5.52 5.41 20.55
N LYS A 180 -6.41 6.21 19.95
CA LYS A 180 -7.06 7.31 20.69
C LYS A 180 -7.41 6.87 22.12
N LYS A 181 -8.07 5.71 22.24
CA LYS A 181 -8.46 5.08 23.54
C LYS A 181 -7.34 5.20 24.60
N GLY A 182 -6.21 4.55 24.35
CA GLY A 182 -4.95 5.02 24.90
C GLY A 182 -4.49 4.35 26.16
N SER A 183 -3.85 5.15 27.01
CA SER A 183 -3.17 4.60 28.16
C SER A 183 -4.10 3.92 29.18
N LYS A 184 -5.38 4.31 29.29
CA LYS A 184 -6.30 3.59 30.19
C LYS A 184 -6.40 2.15 29.73
N VAL A 185 -6.71 1.95 28.45
CA VAL A 185 -6.95 0.60 27.93
C VAL A 185 -5.64 -0.15 27.65
N MET A 186 -4.64 0.49 27.03
CA MET A 186 -3.41 -0.25 26.62
C MET A 186 -2.10 0.43 27.05
N PRO A 187 -1.82 0.47 28.36
CA PRO A 187 -0.62 1.20 28.85
C PRO A 187 0.71 0.77 28.21
N ASN A 188 0.86 -0.51 27.95
CA ASN A 188 2.06 -1.03 27.30
C ASN A 188 2.22 -0.55 25.89
N ILE A 189 1.15 -0.63 25.09
CA ILE A 189 1.27 -0.31 23.66
C ILE A 189 1.52 1.16 23.51
N GLU A 190 0.81 1.92 24.34
CA GLU A 190 0.96 3.35 24.40
C GLU A 190 2.40 3.78 24.64
N LYS A 191 3.10 3.10 25.56
CA LYS A 191 4.51 3.34 25.83
C LYS A 191 5.31 3.14 24.56
N LEU A 192 5.17 1.96 23.95
CA LEU A 192 5.83 1.71 22.62
C LEU A 192 5.61 2.85 21.63
N ARG A 193 4.39 3.37 21.56
CA ARG A 193 4.08 4.53 20.70
C ARG A 193 4.76 5.81 21.18
N SER A 194 4.50 6.11 22.46
CA SER A 194 5.02 7.31 23.12
CA SER A 194 5.02 7.29 23.17
C SER A 194 6.55 7.40 23.08
N CYS A 195 7.19 6.28 23.29
CA CYS A 195 8.60 6.23 23.50
C CYS A 195 9.39 5.93 22.25
N GLY A 196 8.74 5.50 21.17
CA GLY A 196 9.49 5.05 20.00
C GLY A 196 9.23 5.93 18.79
N THR A 197 8.87 5.27 17.71
CA THR A 197 8.57 5.89 16.45
C THR A 197 7.23 5.42 15.94
N HIS A 198 6.28 6.32 15.82
CA HIS A 198 4.97 5.94 15.34
C HIS A 198 4.46 6.82 14.23
N SER A 199 3.33 6.44 13.71
CA SER A 199 2.71 7.17 12.64
C SER A 199 1.25 7.27 12.99
N PRO A 200 0.59 8.44 12.66
CA PRO A 200 -0.82 8.49 13.04
C PRO A 200 -1.61 7.29 12.60
N TYR A 201 -1.21 6.73 11.48
CA TYR A 201 -1.82 5.56 10.93
C TYR A 201 -1.02 5.08 9.78
N MET A 202 -1.22 3.83 9.45
CA MET A 202 -0.56 3.17 8.31
C MET A 202 -1.60 2.72 7.30
N ARG A 203 -1.36 3.00 6.02
CA ARG A 203 -2.25 2.49 4.98
C ARG A 203 -1.97 1.05 4.62
N PRO A 204 -3.03 0.19 4.59
CA PRO A 204 -2.85 -1.19 4.17
C PRO A 204 -2.79 -1.29 2.63
N VAL A 205 -3.29 -2.39 2.06
CA VAL A 205 -3.54 -2.51 0.65
C VAL A 205 -4.93 -3.07 0.49
N TYR A 206 -5.42 -2.93 -0.74
CA TYR A 206 -6.71 -3.42 -1.13
C TYR A 206 -6.48 -4.80 -1.72
N PRO A 207 -7.33 -5.79 -1.42
CA PRO A 207 -8.47 -5.66 -0.53
C PRO A 207 -8.01 -5.67 0.92
N THR A 208 -8.65 -4.86 1.76
CA THR A 208 -8.28 -4.74 3.15
C THR A 208 -8.80 -5.98 3.90
N LYS A 209 -8.20 -7.13 3.58
CA LYS A 209 -8.48 -8.41 4.22
C LYS A 209 -7.15 -8.96 4.70
N THR A 210 -7.24 -9.95 5.58
CA THR A 210 -6.10 -10.46 6.32
C THR A 210 -5.05 -11.16 5.47
N PHE A 211 -5.43 -12.16 4.72
CA PHE A 211 -4.40 -12.87 3.96
C PHE A 211 -3.66 -11.96 2.98
N PRO A 212 -4.37 -11.19 2.13
CA PRO A 212 -3.65 -10.24 1.25
C PRO A 212 -2.79 -9.25 2.01
N ASN A 213 -3.25 -8.77 3.15
CA ASN A 213 -2.47 -7.77 3.86
C ASN A 213 -1.26 -8.27 4.62
N LEU A 214 -1.31 -9.48 5.16
CA LEU A 214 -0.15 -10.09 5.86
C LEU A 214 0.99 -10.49 4.95
N TYR A 215 0.68 -10.95 3.74
CA TYR A 215 1.72 -11.40 2.83
C TYR A 215 2.44 -10.18 2.18
N THR A 216 1.68 -9.08 2.04
CA THR A 216 2.23 -7.80 1.60
C THR A 216 3.26 -7.30 2.62
N LEU A 217 3.00 -7.43 3.93
CA LEU A 217 4.03 -7.07 4.93
C LEU A 217 5.26 -7.97 4.79
N ALA A 218 5.00 -9.25 4.57
CA ALA A 218 6.04 -10.25 4.40
C ALA A 218 6.86 -10.12 3.12
N THR A 219 6.24 -9.73 2.01
CA THR A 219 6.88 -9.74 0.68
C THR A 219 7.28 -8.36 0.11
N GLY A 220 6.76 -7.29 0.72
CA GLY A 220 6.80 -5.95 0.14
C GLY A 220 6.10 -5.74 -1.19
N LEU A 221 5.28 -6.70 -1.62
CA LEU A 221 4.70 -6.65 -2.97
C LEU A 221 3.20 -6.36 -2.87
N TYR A 222 2.62 -5.77 -3.94
CA TYR A 222 1.16 -5.64 -4.06
C TYR A 222 0.55 -7.04 -4.20
N PRO A 223 -0.71 -7.23 -3.77
CA PRO A 223 -1.33 -8.55 -3.89
C PRO A 223 -1.46 -9.12 -5.28
N GLU A 224 -1.57 -8.29 -6.32
CA GLU A 224 -1.55 -8.81 -7.70
C GLU A 224 -0.21 -9.47 -8.08
N SER A 225 0.83 -9.20 -7.29
CA SER A 225 2.22 -9.59 -7.57
C SER A 225 2.58 -10.84 -6.79
N HIS A 226 2.35 -10.81 -5.48
CA HIS A 226 2.56 -11.98 -4.66
C HIS A 226 1.45 -13.10 -4.76
N GLY A 227 0.26 -12.74 -5.29
CA GLY A 227 -0.75 -13.74 -5.74
C GLY A 227 -1.85 -14.12 -4.76
N ILE A 228 -1.62 -13.83 -3.48
CA ILE A 228 -2.63 -13.86 -2.45
C ILE A 228 -3.54 -12.62 -2.57
N VAL A 229 -4.41 -12.65 -3.60
CA VAL A 229 -5.24 -11.51 -4.02
C VAL A 229 -6.53 -11.35 -3.23
N GLY A 230 -6.73 -12.20 -2.23
CA GLY A 230 -7.98 -12.29 -1.48
C GLY A 230 -7.93 -13.41 -0.44
N ASN A 231 -8.65 -13.22 0.67
CA ASN A 231 -8.95 -14.32 1.61
C ASN A 231 -9.48 -15.61 0.96
N SER A 232 -10.00 -15.48 -0.26
CA SER A 232 -10.50 -16.60 -1.01
C SER A 232 -10.35 -16.28 -2.46
N MET A 233 -9.92 -17.25 -3.25
CA MET A 233 -9.68 -17.01 -4.66
C MET A 233 -9.83 -18.31 -5.43
N TYR A 234 -10.24 -18.17 -6.69
CA TYR A 234 -10.24 -19.23 -7.70
C TYR A 234 -9.10 -19.00 -8.70
N ASP A 235 -8.21 -19.99 -8.83
CA ASP A 235 -7.13 -19.95 -9.83
C ASP A 235 -7.54 -20.73 -11.06
N PRO A 236 -7.97 -20.03 -12.13
CA PRO A 236 -8.46 -20.74 -13.32
C PRO A 236 -7.48 -21.77 -13.94
N VAL A 237 -6.17 -21.54 -13.84
CA VAL A 237 -5.16 -22.52 -14.29
C VAL A 237 -5.05 -23.75 -13.36
N PHE A 238 -4.97 -23.54 -12.04
CA PHE A 238 -4.98 -24.64 -11.08
C PHE A 238 -6.32 -25.38 -11.04
N ASP A 239 -7.38 -24.74 -11.55
CA ASP A 239 -8.76 -25.18 -11.39
C ASP A 239 -8.90 -25.70 -10.01
N ALA A 240 -8.66 -24.80 -9.07
CA ALA A 240 -8.78 -25.09 -7.63
C ALA A 240 -9.06 -23.79 -6.93
N THR A 241 -9.54 -23.87 -5.68
CA THR A 241 -9.75 -22.64 -4.91
C THR A 241 -9.15 -22.59 -3.51
N PHE A 242 -8.81 -21.36 -3.14
CA PHE A 242 -8.05 -21.08 -1.96
C PHE A 242 -9.03 -20.47 -0.94
N HIS A 243 -8.98 -20.95 0.29
CA HIS A 243 -9.92 -20.51 1.32
C HIS A 243 -9.21 -20.33 2.64
N LEU A 244 -9.67 -19.39 3.44
CA LEU A 244 -9.05 -19.12 4.75
C LEU A 244 -9.04 -20.41 5.53
N ARG A 245 -10.24 -20.97 5.72
CA ARG A 245 -10.45 -22.27 6.34
C ARG A 245 -10.31 -23.36 5.26
N GLY A 246 -9.31 -24.23 5.43
CA GLY A 246 -9.09 -25.33 4.50
C GLY A 246 -7.65 -25.65 4.32
N ARG A 247 -7.40 -26.74 3.58
CA ARG A 247 -6.04 -27.28 3.36
C ARG A 247 -5.38 -26.79 2.10
N GLU A 248 -6.18 -26.23 1.19
CA GLU A 248 -5.68 -25.79 -0.10
C GLU A 248 -4.61 -24.71 0.04
N LYS A 249 -4.81 -23.79 0.98
CA LYS A 249 -3.85 -22.71 1.26
C LYS A 249 -2.43 -23.17 1.62
N PHE A 250 -2.31 -24.39 2.15
CA PHE A 250 -1.01 -24.94 2.60
C PHE A 250 -0.05 -25.31 1.46
N ASN A 251 -0.62 -25.44 0.27
CA ASN A 251 0.11 -25.66 -0.94
C ASN A 251 0.88 -24.38 -1.29
N HIS A 252 2.20 -24.46 -1.38
CA HIS A 252 3.00 -23.21 -1.54
C HIS A 252 2.79 -22.52 -2.88
N ARG A 253 2.31 -23.26 -3.88
CA ARG A 253 2.14 -22.80 -5.26
C ARG A 253 1.39 -21.47 -5.42
N TRP A 254 0.62 -21.09 -4.38
CA TRP A 254 -0.19 -19.90 -4.39
C TRP A 254 0.59 -18.66 -3.98
N TRP A 255 1.82 -18.87 -3.51
CA TRP A 255 2.54 -17.91 -2.68
C TRP A 255 3.87 -17.53 -3.34
N GLY A 256 3.83 -16.45 -4.12
CA GLY A 256 4.97 -15.91 -4.83
C GLY A 256 5.74 -14.91 -4.02
N GLY A 257 6.45 -14.02 -4.69
CA GLY A 257 7.44 -13.11 -4.06
C GLY A 257 8.52 -13.85 -3.26
N GLN A 258 9.24 -13.11 -2.41
CA GLN A 258 10.19 -13.70 -1.47
C GLN A 258 9.94 -13.17 -0.04
N PRO A 259 9.21 -13.96 0.76
CA PRO A 259 8.85 -13.45 2.05
C PRO A 259 10.06 -13.29 2.98
N LEU A 260 9.91 -12.44 3.98
CA LEU A 260 11.01 -12.06 4.85
C LEU A 260 11.77 -13.23 5.46
N TRP A 261 11.07 -14.30 5.85
CA TRP A 261 11.70 -15.52 6.38
C TRP A 261 12.60 -16.22 5.34
N ILE A 262 12.20 -16.23 4.06
CA ILE A 262 13.07 -16.74 2.98
C ILE A 262 14.20 -15.77 2.62
N THR A 263 13.93 -14.45 2.58
CA THR A 263 14.99 -13.45 2.28
C THR A 263 16.12 -13.52 3.28
N ALA A 264 15.81 -13.95 4.51
CA ALA A 264 16.80 -14.08 5.59
C ALA A 264 17.58 -15.39 5.55
N THR A 265 16.87 -16.52 5.46
CA THR A 265 17.49 -17.85 5.34
C THR A 265 18.62 -17.83 4.31
N LYS A 266 18.28 -17.44 3.09
CA LYS A 266 19.22 -17.36 1.97
C LYS A 266 20.46 -16.50 2.24
N GLN A 267 20.30 -15.49 3.10
CA GLN A 267 21.38 -14.57 3.50
C GLN A 267 22.05 -14.94 4.81
N GLY A 268 21.81 -16.15 5.31
CA GLY A 268 22.47 -16.67 6.52
C GLY A 268 21.98 -16.19 7.87
N VAL A 269 20.91 -15.39 7.90
CA VAL A 269 20.32 -14.81 9.13
C VAL A 269 19.13 -15.69 9.55
N LYS A 270 19.21 -16.25 10.76
CA LYS A 270 18.38 -17.39 11.09
C LYS A 270 16.97 -16.94 11.50
N ALA A 271 15.97 -17.61 10.92
CA ALA A 271 14.51 -17.30 11.11
C ALA A 271 13.75 -18.23 12.05
N GLY A 272 14.28 -19.41 12.26
CA GLY A 272 13.67 -20.41 13.11
C GLY A 272 12.56 -21.14 12.39
N THR A 273 11.66 -21.70 13.18
CA THR A 273 10.32 -22.09 12.76
C THR A 273 9.58 -20.79 12.96
N PHE A 274 9.02 -20.24 11.89
CA PHE A 274 8.57 -18.84 11.94
C PHE A 274 7.09 -18.70 12.26
N PHE A 275 6.32 -19.68 11.85
CA PHE A 275 4.89 -19.70 12.02
C PHE A 275 4.43 -20.58 13.15
N TRP A 276 3.51 -20.01 13.95
CA TRP A 276 2.79 -20.69 15.00
C TRP A 276 1.41 -21.21 14.56
N SER A 277 1.06 -22.39 15.08
CA SER A 277 -0.31 -22.92 14.98
C SER A 277 -1.27 -22.06 15.81
N VAL A 278 -2.33 -21.55 15.19
CA VAL A 278 -3.23 -20.55 15.80
C VAL A 278 -3.76 -21.01 17.18
N VAL A 279 -4.18 -22.27 17.23
CA VAL A 279 -4.73 -22.97 18.44
C VAL A 279 -3.84 -22.89 19.72
N ILE A 280 -2.57 -22.56 19.58
CA ILE A 280 -1.71 -22.42 20.76
C ILE A 280 -2.00 -21.04 21.32
N PRO A 281 -2.23 -20.95 22.64
CA PRO A 281 -2.58 -19.68 23.27
C PRO A 281 -1.44 -18.67 23.28
N HIS A 282 -1.81 -17.40 23.45
CA HIS A 282 -0.85 -16.32 23.31
C HIS A 282 0.22 -16.28 24.40
N GLU A 283 -0.04 -16.86 25.58
CA GLU A 283 0.93 -16.84 26.67
C GLU A 283 2.07 -17.84 26.36
N ARG A 284 1.67 -19.05 25.96
CA ARG A 284 2.61 -20.09 25.56
C ARG A 284 3.50 -19.64 24.43
N ARG A 285 2.93 -18.94 23.47
CA ARG A 285 3.73 -18.35 22.38
C ARG A 285 4.83 -17.40 22.91
N ILE A 286 4.47 -16.38 23.69
CA ILE A 286 5.47 -15.40 24.13
C ILE A 286 6.47 -15.97 25.13
N LEU A 287 6.09 -17.01 25.89
CA LEU A 287 7.08 -17.68 26.77
C LEU A 287 8.11 -18.40 25.96
N THR A 288 7.66 -19.15 24.95
CA THR A 288 8.53 -19.86 24.01
C THR A 288 9.45 -18.93 23.25
N ILE A 289 8.94 -17.77 22.84
CA ILE A 289 9.80 -16.74 22.19
C ILE A 289 10.95 -16.35 23.09
N LEU A 290 10.66 -16.14 24.36
CA LEU A 290 11.70 -15.74 25.32
C LEU A 290 12.67 -16.90 25.59
N GLN A 291 12.16 -18.12 25.57
CA GLN A 291 13.01 -19.28 25.73
C GLN A 291 14.07 -19.33 24.63
N TRP A 292 13.64 -19.12 23.38
CA TRP A 292 14.52 -19.22 22.24
C TRP A 292 15.60 -18.15 22.23
N LEU A 293 15.32 -17.02 22.86
CA LEU A 293 16.31 -15.92 22.92
C LEU A 293 17.41 -16.12 23.99
N THR A 294 17.32 -17.19 24.77
CA THR A 294 18.45 -17.65 25.61
C THR A 294 19.20 -18.84 24.97
N LEU A 295 18.85 -19.21 23.74
CA LEU A 295 19.55 -20.29 23.05
C LEU A 295 20.95 -19.85 22.65
N PRO A 296 21.87 -20.81 22.58
CA PRO A 296 23.24 -20.41 22.24
C PRO A 296 23.30 -19.81 20.85
N ASP A 297 24.29 -18.97 20.60
CA ASP A 297 24.39 -18.26 19.30
C ASP A 297 24.23 -19.02 17.96
N HIS A 298 24.26 -20.34 17.96
CA HIS A 298 24.12 -21.08 16.69
C HIS A 298 22.71 -21.61 16.42
N GLU A 299 21.85 -21.62 17.43
CA GLU A 299 20.44 -21.98 17.24
C GLU A 299 19.52 -20.76 17.27
N ARG A 300 19.91 -19.74 18.03
CA ARG A 300 19.06 -18.57 18.20
C ARG A 300 18.62 -18.01 16.87
N PRO A 301 17.31 -17.81 16.67
CA PRO A 301 16.92 -16.96 15.53
C PRO A 301 17.21 -15.48 15.82
N SER A 302 17.24 -14.70 14.74
CA SER A 302 17.32 -13.24 14.80
C SER A 302 16.04 -12.49 14.37
N VAL A 303 15.01 -13.20 13.89
CA VAL A 303 13.70 -12.59 13.66
C VAL A 303 12.63 -13.49 14.26
N TYR A 304 11.58 -12.87 14.78
CA TYR A 304 10.45 -13.59 15.37
C TYR A 304 9.16 -12.88 15.00
N ALA A 305 8.07 -13.63 14.96
CA ALA A 305 6.75 -13.03 14.69
C ALA A 305 5.67 -13.62 15.55
N PHE A 306 4.80 -12.72 16.02
CA PHE A 306 3.66 -13.06 16.83
C PHE A 306 2.38 -12.50 16.21
N TYR A 307 1.29 -13.28 16.27
CA TYR A 307 0.07 -12.88 15.60
C TYR A 307 -1.12 -13.05 16.53
N SER A 308 -1.84 -11.95 16.79
CA SER A 308 -3.11 -11.97 17.53
CA SER A 308 -3.13 -12.05 17.51
C SER A 308 -4.31 -11.82 16.56
N GLU A 309 -5.19 -12.81 16.54
CA GLU A 309 -6.37 -12.81 15.73
C GLU A 309 -7.38 -11.77 16.25
N GLN A 310 -7.22 -11.37 17.54
CA GLN A 310 -7.79 -10.14 18.11
C GLN A 310 -6.92 -8.93 17.78
N PRO A 311 -7.46 -7.70 17.73
CA PRO A 311 -8.86 -7.36 18.00
C PRO A 311 -9.91 -7.57 16.88
N ASP A 312 -9.54 -8.23 15.77
CA ASP A 312 -10.50 -8.52 14.69
C ASP A 312 -11.66 -9.46 15.13
N PHE A 313 -11.41 -10.51 15.93
CA PHE A 313 -12.47 -11.48 16.19
C PHE A 313 -13.64 -10.77 16.86
N SER A 314 -13.35 -10.06 17.95
CA SER A 314 -14.35 -9.31 18.71
C SER A 314 -15.02 -8.23 17.88
N GLY A 315 -14.23 -7.56 17.02
CA GLY A 315 -14.67 -6.42 16.21
C GLY A 315 -15.78 -6.74 15.26
N HIS A 316 -15.78 -7.96 14.72
CA HIS A 316 -16.85 -8.40 13.81
C HIS A 316 -18.12 -8.67 14.59
N LYS A 317 -17.96 -9.05 15.86
CA LYS A 317 -19.06 -9.36 16.74
C LYS A 317 -19.72 -8.06 17.24
N TYR A 318 -18.91 -7.07 17.61
CA TYR A 318 -19.44 -5.90 18.34
C TYR A 318 -19.31 -4.54 17.66
N GLY A 319 -18.77 -4.51 16.46
CA GLY A 319 -18.51 -3.24 15.79
C GLY A 319 -17.25 -2.63 16.38
N PRO A 320 -16.59 -1.71 15.65
CA PRO A 320 -15.35 -1.11 16.11
C PRO A 320 -15.55 -0.17 17.30
N PHE A 321 -16.63 0.59 17.30
CA PHE A 321 -16.97 1.48 18.43
C PHE A 321 -17.83 0.80 19.50
N GLY A 322 -17.96 -0.53 19.47
CA GLY A 322 -18.59 -1.25 20.58
C GLY A 322 -17.94 -1.01 21.95
N PRO A 323 -18.75 -0.86 23.02
CA PRO A 323 -18.26 -0.90 24.40
C PRO A 323 -17.62 -2.22 24.83
N GLU A 324 -17.84 -3.27 24.03
CA GLU A 324 -17.37 -4.63 24.33
C GLU A 324 -15.97 -4.86 23.79
N MET A 325 -15.41 -3.81 23.18
CA MET A 325 -14.06 -3.80 22.63
C MET A 325 -13.00 -3.46 23.64
N THR A 326 -13.39 -2.71 24.67
CA THR A 326 -12.55 -2.30 25.79
C THR A 326 -11.73 -3.47 26.29
N ASN A 327 -12.37 -4.63 26.42
CA ASN A 327 -11.77 -5.76 27.11
C ASN A 327 -10.79 -6.58 26.25
N PRO A 328 -11.18 -6.98 25.02
CA PRO A 328 -10.26 -7.68 24.13
C PRO A 328 -8.97 -6.93 23.87
N LEU A 329 -9.02 -5.60 23.78
CA LEU A 329 -7.79 -4.78 23.68
C LEU A 329 -6.94 -4.72 24.96
N ARG A 330 -7.57 -4.63 26.14
CA ARG A 330 -6.79 -4.70 27.40
C ARG A 330 -6.05 -6.05 27.53
N GLU A 331 -6.76 -7.12 27.16
CA GLU A 331 -6.23 -8.48 27.07
C GLU A 331 -5.02 -8.58 26.17
N ILE A 332 -5.09 -7.92 25.04
CA ILE A 332 -3.94 -7.85 24.15
C ILE A 332 -2.78 -7.12 24.81
N ASP A 333 -3.08 -6.02 25.50
CA ASP A 333 -2.03 -5.24 26.14
C ASP A 333 -1.42 -6.02 27.25
N LYS A 334 -2.19 -6.95 27.81
CA LYS A 334 -1.71 -7.98 28.71
C LYS A 334 -0.56 -8.76 28.08
N ILE A 335 -0.76 -9.17 26.83
CA ILE A 335 0.22 -10.00 26.15
C ILE A 335 1.46 -9.19 25.78
N VAL A 336 1.29 -7.89 25.52
CA VAL A 336 2.41 -7.02 25.12
C VAL A 336 3.29 -6.76 26.32
N GLY A 337 2.66 -6.43 27.46
CA GLY A 337 3.38 -6.25 28.71
C GLY A 337 4.17 -7.45 29.18
N GLN A 338 3.56 -8.64 29.17
CA GLN A 338 4.29 -9.89 29.34
C GLN A 338 5.55 -9.98 28.44
N LEU A 339 5.46 -9.49 27.20
CA LEU A 339 6.62 -9.54 26.32
C LEU A 339 7.76 -8.61 26.76
N MET A 340 7.44 -7.41 27.21
CA MET A 340 8.45 -6.46 27.67
C MET A 340 8.96 -6.80 29.04
N ASP A 341 8.05 -7.21 29.91
CA ASP A 341 8.43 -7.80 31.20
C ASP A 341 9.40 -9.00 30.98
N GLY A 342 9.01 -9.91 30.12
CA GLY A 342 9.83 -11.04 29.79
C GLY A 342 11.18 -10.68 29.19
N LEU A 343 11.21 -9.67 28.35
CA LEU A 343 12.46 -9.25 27.76
C LEU A 343 13.32 -8.53 28.75
N LYS A 344 12.71 -7.76 29.67
CA LYS A 344 13.47 -7.00 30.69
C LYS A 344 14.14 -7.95 31.72
N GLN A 345 13.48 -9.06 32.05
CA GLN A 345 14.06 -10.06 32.91
C GLN A 345 15.10 -10.96 32.24
N LEU A 346 15.24 -10.90 30.92
CA LEU A 346 16.37 -11.53 30.25
C LEU A 346 17.45 -10.52 29.81
N LYS A 347 17.40 -9.29 30.36
CA LYS A 347 18.31 -8.18 30.00
C LYS A 347 18.23 -7.77 28.53
N LEU A 348 17.11 -8.05 27.87
CA LEU A 348 16.98 -7.86 26.42
C LEU A 348 16.13 -6.66 26.01
N HIS A 349 15.47 -6.03 26.98
CA HIS A 349 14.57 -4.89 26.71
C HIS A 349 15.15 -3.63 26.08
N ARG A 350 16.47 -3.52 25.99
CA ARG A 350 17.13 -2.45 25.25
C ARG A 350 18.08 -3.11 24.27
N CYS A 351 17.65 -4.24 23.70
CA CYS A 351 18.44 -5.02 22.71
C CYS A 351 17.67 -5.45 21.45
N VAL A 352 16.39 -5.13 21.33
CA VAL A 352 15.53 -5.80 20.35
C VAL A 352 14.63 -4.79 19.72
N ASN A 353 14.41 -4.95 18.43
CA ASN A 353 13.51 -4.07 17.71
C ASN A 353 12.17 -4.73 17.61
N VAL A 354 11.15 -4.01 18.05
CA VAL A 354 9.79 -4.52 18.06
C VAL A 354 8.90 -3.59 17.23
N ILE A 355 8.19 -4.24 16.31
CA ILE A 355 7.26 -3.60 15.42
C ILE A 355 5.85 -4.02 15.84
N PHE A 356 5.08 -3.06 16.36
CA PHE A 356 3.65 -3.25 16.58
C PHE A 356 2.88 -2.73 15.36
N VAL A 357 2.18 -3.64 14.71
CA VAL A 357 1.67 -3.42 13.38
C VAL A 357 0.30 -4.09 13.25
N GLY A 358 -0.59 -3.49 12.46
CA GLY A 358 -1.86 -4.08 12.06
C GLY A 358 -1.90 -4.43 10.56
N ASP A 359 -2.81 -5.35 10.23
CA ASP A 359 -3.11 -5.74 8.84
C ASP A 359 -4.28 -4.93 8.26
N HIS A 360 -5.20 -4.49 9.12
CA HIS A 360 -6.25 -3.54 8.74
C HIS A 360 -7.07 -3.06 9.93
N GLY A 361 -7.98 -2.12 9.68
CA GLY A 361 -8.91 -1.60 10.67
C GLY A 361 -10.22 -2.29 10.42
N MET A 362 -11.34 -1.60 10.70
CA MET A 362 -12.64 -2.25 10.87
C MET A 362 -13.75 -1.22 10.83
N GLU A 363 -14.77 -1.44 10.01
CA GLU A 363 -15.91 -0.52 9.81
C GLU A 363 -17.15 -1.12 10.44
N ASP A 364 -18.16 -0.27 10.68
CA ASP A 364 -19.51 -0.71 11.13
C ASP A 364 -20.32 -1.25 9.94
N VAL A 365 -20.83 -2.48 10.09
CA VAL A 365 -21.52 -3.21 9.01
C VAL A 365 -22.53 -4.19 9.61
N THR A 366 -23.80 -4.06 9.24
CA THR A 366 -24.85 -4.92 9.78
C THR A 366 -25.57 -5.59 8.63
N CYS A 367 -26.17 -6.73 8.95
CA CYS A 367 -26.80 -7.63 7.98
C CYS A 367 -27.75 -6.88 7.06
N ASP A 368 -28.44 -5.85 7.58
CA ASP A 368 -29.47 -5.13 6.82
C ASP A 368 -28.93 -4.06 5.84
N ARG A 369 -27.61 -3.91 5.72
CA ARG A 369 -26.99 -3.01 4.74
C ARG A 369 -26.38 -3.86 3.61
N THR A 370 -27.25 -4.58 2.91
CA THR A 370 -26.87 -5.63 1.95
C THR A 370 -27.64 -5.51 0.62
N GLU A 371 -26.96 -5.04 -0.42
CA GLU A 371 -27.48 -5.00 -1.79
C GLU A 371 -27.55 -6.40 -2.38
N PHE A 372 -28.55 -6.66 -3.22
CA PHE A 372 -28.70 -7.98 -3.81
C PHE A 372 -28.67 -7.95 -5.34
N LEU A 373 -27.79 -8.77 -5.92
CA LEU A 373 -27.60 -8.77 -7.37
C LEU A 373 -28.89 -9.19 -8.07
N SER A 374 -29.48 -10.29 -7.62
CA SER A 374 -30.86 -10.72 -8.01
C SER A 374 -31.95 -9.66 -8.13
N ASN A 375 -31.80 -8.54 -7.44
CA ASN A 375 -32.64 -7.37 -7.74
C ASN A 375 -32.23 -6.61 -8.98
N TYR A 376 -30.97 -6.70 -9.40
CA TYR A 376 -30.45 -6.00 -10.61
C TYR A 376 -30.37 -6.88 -11.87
N LEU A 377 -30.10 -8.18 -11.71
CA LEU A 377 -29.89 -9.13 -12.82
C LEU A 377 -30.99 -10.24 -12.92
N THR A 378 -31.28 -10.69 -14.15
CA THR A 378 -32.36 -11.68 -14.38
C THR A 378 -31.90 -13.14 -14.28
N ASN A 379 -30.82 -13.48 -14.98
CA ASN A 379 -30.20 -14.81 -14.92
C ASN A 379 -29.04 -14.80 -13.93
N VAL A 380 -29.38 -14.76 -12.64
CA VAL A 380 -28.41 -14.67 -11.55
C VAL A 380 -27.87 -16.02 -11.12
N ASP A 381 -28.57 -17.09 -11.47
CA ASP A 381 -28.06 -18.45 -11.18
C ASP A 381 -26.86 -18.79 -12.09
N ASP A 382 -26.58 -17.94 -13.06
CA ASP A 382 -25.45 -18.13 -13.98
C ASP A 382 -24.09 -17.63 -13.48
N ILE A 383 -24.08 -16.91 -12.33
CA ILE A 383 -22.83 -16.30 -11.85
C ILE A 383 -22.37 -16.77 -10.47
N THR A 384 -21.09 -16.52 -10.22
CA THR A 384 -20.43 -16.79 -8.98
C THR A 384 -19.99 -15.45 -8.46
N LEU A 385 -20.20 -15.22 -7.17
CA LEU A 385 -19.95 -13.93 -6.55
C LEU A 385 -19.14 -14.12 -5.29
N VAL A 386 -17.99 -13.48 -5.22
CA VAL A 386 -17.26 -13.40 -3.98
C VAL A 386 -17.85 -12.20 -3.21
N PRO A 387 -18.65 -12.45 -2.15
CA PRO A 387 -19.42 -11.35 -1.56
C PRO A 387 -18.67 -10.44 -0.56
N GLY A 388 -19.43 -9.64 0.18
CA GLY A 388 -18.93 -8.90 1.34
C GLY A 388 -18.68 -7.44 1.01
N THR A 389 -17.54 -6.94 1.51
CA THR A 389 -17.09 -5.54 1.33
C THR A 389 -16.39 -5.31 -0.01
N LEU A 390 -16.45 -6.34 -0.86
CA LEU A 390 -16.10 -6.23 -2.26
C LEU A 390 -16.92 -7.27 -3.06
N GLY A 391 -17.00 -7.08 -4.37
CA GLY A 391 -17.59 -8.03 -5.31
C GLY A 391 -16.61 -8.48 -6.39
N ARG A 392 -16.55 -9.77 -6.64
CA ARG A 392 -15.87 -10.30 -7.80
C ARG A 392 -16.83 -11.29 -8.45
N ILE A 393 -17.03 -11.18 -9.75
CA ILE A 393 -18.02 -11.95 -10.45
C ILE A 393 -17.44 -12.67 -11.65
N ARG A 394 -17.71 -13.97 -11.76
CA ARG A 394 -17.32 -14.76 -12.94
C ARG A 394 -18.43 -15.76 -13.30
N SER A 395 -18.31 -16.40 -14.46
CA SER A 395 -19.30 -17.37 -14.90
C SER A 395 -19.26 -18.58 -14.02
N LYS A 396 -20.40 -18.92 -13.41
CA LYS A 396 -20.51 -20.13 -12.64
C LYS A 396 -20.16 -21.35 -13.49
N PHE A 397 -20.83 -21.47 -14.63
CA PHE A 397 -20.72 -22.66 -15.49
C PHE A 397 -19.69 -22.46 -16.58
N SER A 398 -19.10 -23.56 -17.04
CA SER A 398 -17.92 -23.51 -17.92
C SER A 398 -18.06 -22.69 -19.21
N ASN A 399 -18.88 -23.17 -20.12
CA ASN A 399 -18.98 -22.59 -21.46
C ASN A 399 -20.42 -22.10 -21.73
N ASN A 400 -20.95 -21.36 -20.76
CA ASN A 400 -22.32 -20.86 -20.80
C ASN A 400 -22.34 -19.58 -21.63
N ALA A 401 -22.75 -19.71 -22.90
CA ALA A 401 -22.79 -18.55 -23.83
C ALA A 401 -23.81 -17.47 -23.38
N LYS A 402 -24.80 -17.88 -22.59
CA LYS A 402 -25.70 -16.94 -21.88
C LYS A 402 -25.07 -16.31 -20.61
N TYR A 403 -23.74 -16.35 -20.52
CA TYR A 403 -22.95 -15.44 -19.70
C TYR A 403 -22.36 -14.34 -20.60
N ASP A 404 -22.87 -13.12 -20.44
CA ASP A 404 -22.36 -11.98 -21.19
C ASP A 404 -21.86 -10.96 -20.15
N PRO A 405 -20.54 -10.74 -20.09
CA PRO A 405 -19.98 -9.82 -19.08
C PRO A 405 -20.33 -8.36 -19.34
N LYS A 406 -20.41 -8.00 -20.62
CA LYS A 406 -20.85 -6.67 -21.03
C LYS A 406 -22.25 -6.40 -20.45
N ALA A 407 -23.13 -7.41 -20.53
CA ALA A 407 -24.51 -7.30 -20.06
C ALA A 407 -24.61 -7.24 -18.56
N ILE A 408 -23.72 -7.95 -17.87
CA ILE A 408 -23.63 -7.84 -16.41
C ILE A 408 -23.20 -6.42 -15.98
N ILE A 409 -22.01 -5.98 -16.38
CA ILE A 409 -21.55 -4.62 -16.08
C ILE A 409 -22.64 -3.59 -16.38
N ALA A 410 -23.26 -3.68 -17.55
CA ALA A 410 -24.27 -2.68 -17.95
C ALA A 410 -25.47 -2.61 -17.01
N ALA A 411 -25.90 -3.77 -16.54
CA ALA A 411 -27.11 -3.91 -15.72
C ALA A 411 -26.83 -3.64 -14.23
N LEU A 412 -25.55 -3.41 -13.90
CA LEU A 412 -25.16 -3.08 -12.56
C LEU A 412 -24.81 -1.62 -12.44
N THR A 413 -24.87 -0.86 -13.52
CA THR A 413 -24.13 0.39 -13.58
C THR A 413 -24.71 1.53 -12.69
N CYS A 414 -25.84 2.13 -13.09
CA CYS A 414 -26.49 3.17 -12.25
C CYS A 414 -27.99 2.95 -12.37
N LYS A 415 -28.45 1.78 -11.91
CA LYS A 415 -29.85 1.37 -12.04
C LYS A 415 -30.70 2.09 -11.01
N LYS A 416 -30.18 2.09 -9.79
CA LYS A 416 -30.88 2.55 -8.63
C LYS A 416 -30.23 3.83 -8.12
N PRO A 417 -31.06 4.82 -7.79
CA PRO A 417 -30.59 6.04 -7.09
C PRO A 417 -29.75 5.83 -5.81
N ASP A 418 -30.10 4.81 -5.05
CA ASP A 418 -29.54 4.59 -3.73
C ASP A 418 -28.30 3.68 -3.72
N GLN A 419 -27.95 3.13 -4.90
CA GLN A 419 -27.01 2.03 -5.08
C GLN A 419 -25.71 2.18 -4.28
N HIS A 420 -25.31 1.11 -3.61
CA HIS A 420 -24.19 1.14 -2.68
C HIS A 420 -23.01 0.29 -3.20
N PHE A 421 -22.87 0.16 -4.50
CA PHE A 421 -21.66 -0.43 -5.06
C PHE A 421 -21.41 0.21 -6.42
N LYS A 422 -20.30 -0.12 -7.06
CA LYS A 422 -20.06 0.29 -8.45
C LYS A 422 -19.24 -0.75 -9.19
N PRO A 423 -19.77 -1.22 -10.34
CA PRO A 423 -19.04 -2.19 -11.15
C PRO A 423 -17.87 -1.58 -11.95
N TYR A 424 -16.79 -2.33 -12.05
CA TYR A 424 -15.64 -1.94 -12.86
C TYR A 424 -15.10 -3.14 -13.64
N LEU A 425 -14.57 -2.94 -14.82
CA LEU A 425 -13.68 -3.93 -15.40
C LEU A 425 -12.38 -3.66 -14.69
N LYS A 426 -11.70 -4.67 -14.18
CA LYS A 426 -10.51 -4.43 -13.34
C LYS A 426 -9.53 -3.39 -13.95
N GLN A 427 -9.40 -3.38 -15.26
CA GLN A 427 -8.57 -2.36 -15.93
C GLN A 427 -8.99 -0.89 -15.58
N HIS A 428 -10.24 -0.73 -15.19
CA HIS A 428 -10.80 0.57 -14.93
C HIS A 428 -10.86 0.98 -13.45
N LEU A 429 -10.56 0.05 -12.53
CA LEU A 429 -10.30 0.41 -11.13
C LEU A 429 -9.26 1.49 -11.03
N PRO A 430 -9.41 2.39 -10.06
CA PRO A 430 -8.35 3.36 -9.88
C PRO A 430 -7.02 2.65 -9.77
N LYS A 431 -5.97 3.31 -10.30
CA LYS A 431 -4.62 2.74 -10.45
C LYS A 431 -3.83 2.57 -9.12
N ARG A 432 -4.16 3.43 -8.16
CA ARG A 432 -3.58 3.41 -6.83
C ARG A 432 -3.76 2.07 -6.12
N LEU A 433 -4.82 1.36 -6.50
CA LEU A 433 -5.15 0.05 -5.93
C LEU A 433 -4.31 -1.05 -6.52
N HIS A 434 -3.70 -0.84 -7.69
CA HIS A 434 -2.79 -1.83 -8.27
C HIS A 434 -3.40 -3.20 -8.13
N TYR A 435 -4.67 -3.32 -8.50
CA TYR A 435 -5.42 -4.53 -8.27
C TYR A 435 -6.01 -5.05 -9.59
N ALA A 436 -5.17 -5.35 -10.59
CA ALA A 436 -5.65 -5.98 -11.85
C ALA A 436 -4.83 -7.16 -12.37
N ASN A 437 -3.51 -7.09 -12.26
CA ASN A 437 -2.61 -7.96 -12.99
C ASN A 437 -2.44 -9.27 -12.26
N ASN A 438 -3.47 -10.08 -12.31
CA ASN A 438 -3.44 -11.45 -11.81
C ASN A 438 -4.59 -12.23 -12.42
N ARG A 439 -4.36 -13.51 -12.63
CA ARG A 439 -5.34 -14.39 -13.23
C ARG A 439 -6.47 -14.77 -12.26
N ARG A 440 -6.25 -14.48 -10.98
CA ARG A 440 -7.23 -14.74 -9.93
C ARG A 440 -7.89 -13.43 -9.52
N ILE A 441 -7.77 -12.38 -10.34
CA ILE A 441 -8.65 -11.22 -10.20
C ILE A 441 -9.57 -11.30 -11.44
N GLU A 442 -10.84 -11.60 -11.19
CA GLU A 442 -11.81 -11.74 -12.27
C GLU A 442 -12.09 -10.36 -12.83
N ASP A 443 -12.42 -10.36 -14.12
CA ASP A 443 -12.59 -9.16 -14.94
C ASP A 443 -13.54 -8.18 -14.25
N ILE A 444 -14.66 -8.72 -13.73
CA ILE A 444 -15.70 -7.88 -13.12
C ILE A 444 -15.50 -7.69 -11.59
N HIS A 445 -15.27 -6.44 -11.21
CA HIS A 445 -15.10 -6.10 -9.82
C HIS A 445 -16.14 -5.07 -9.37
N LEU A 446 -16.66 -5.27 -8.16
CA LEU A 446 -17.56 -4.30 -7.55
C LEU A 446 -16.86 -3.65 -6.37
N LEU A 447 -16.67 -2.36 -6.45
CA LEU A 447 -16.36 -1.61 -5.27
C LEU A 447 -17.61 -1.41 -4.45
N VAL A 448 -17.52 -1.62 -3.15
CA VAL A 448 -18.67 -1.44 -2.24
C VAL A 448 -18.47 -0.19 -1.39
N GLU A 449 -19.55 0.54 -1.14
CA GLU A 449 -19.53 1.74 -0.27
C GLU A 449 -19.28 1.27 1.13
N ARG A 450 -18.35 1.94 1.81
CA ARG A 450 -18.15 1.76 3.28
C ARG A 450 -19.48 1.63 3.98
N ARG A 451 -19.53 0.69 4.92
CA ARG A 451 -20.69 0.34 5.75
C ARG A 451 -21.70 -0.63 5.11
N TRP A 452 -21.43 -1.08 3.89
CA TRP A 452 -22.39 -1.86 3.12
C TRP A 452 -21.78 -3.18 2.67
N HIS A 453 -22.67 -4.10 2.33
CA HIS A 453 -22.34 -5.44 1.87
C HIS A 453 -23.06 -5.75 0.57
N VAL A 454 -22.40 -6.41 -0.40
CA VAL A 454 -23.08 -6.90 -1.59
C VAL A 454 -23.21 -8.39 -1.45
N ALA A 455 -24.35 -8.95 -1.83
CA ALA A 455 -24.62 -10.39 -1.82
C ALA A 455 -25.26 -10.80 -3.14
N ARG A 456 -25.41 -12.13 -3.31
CA ARG A 456 -25.93 -12.67 -4.56
C ARG A 456 -27.46 -12.87 -4.53
N LYS A 457 -27.94 -13.65 -3.57
CA LYS A 457 -29.38 -13.90 -3.39
C LYS A 457 -29.76 -13.68 -1.90
N PRO A 458 -30.97 -13.14 -1.62
CA PRO A 458 -31.37 -12.94 -0.19
C PRO A 458 -31.50 -14.24 0.62
N PHE A 470 -25.61 -11.66 12.36
CA PHE A 470 -24.77 -12.06 13.51
C PHE A 470 -23.41 -11.32 13.63
N PHE A 471 -23.31 -10.14 13.02
CA PHE A 471 -22.04 -9.43 12.93
C PHE A 471 -22.28 -7.94 12.82
N GLN A 472 -21.37 -7.15 13.36
CA GLN A 472 -21.52 -5.69 13.40
C GLN A 472 -20.38 -4.91 12.76
N GLY A 473 -19.24 -5.53 12.58
CA GLY A 473 -18.20 -4.91 11.82
C GLY A 473 -17.76 -5.83 10.72
N ASP A 474 -17.05 -5.24 9.76
CA ASP A 474 -16.36 -5.99 8.72
C ASP A 474 -15.37 -4.99 8.05
N HIS A 475 -14.68 -5.47 7.03
CA HIS A 475 -13.62 -4.74 6.40
C HIS A 475 -13.37 -5.42 5.05
N GLY A 476 -12.52 -4.80 4.25
CA GLY A 476 -12.27 -5.20 2.86
C GLY A 476 -12.41 -4.05 1.90
N PHE A 477 -12.88 -2.91 2.39
CA PHE A 477 -13.12 -1.78 1.56
C PHE A 477 -11.85 -1.17 0.94
N ASP A 478 -12.08 -0.31 -0.06
CA ASP A 478 -11.08 0.67 -0.50
C ASP A 478 -10.16 1.09 0.64
N ASN A 479 -8.86 1.02 0.38
CA ASN A 479 -7.82 1.19 1.40
C ASN A 479 -7.49 2.64 1.64
N LYS A 480 -8.21 3.56 0.97
CA LYS A 480 -8.11 4.97 1.31
C LYS A 480 -9.09 5.39 2.41
N VAL A 481 -9.79 4.44 3.03
CA VAL A 481 -10.97 4.73 3.85
C VAL A 481 -10.50 4.80 5.28
N ASN A 482 -10.94 5.82 6.01
CA ASN A 482 -10.45 6.02 7.38
C ASN A 482 -10.61 4.85 8.32
N SER A 483 -11.74 4.16 8.23
CA SER A 483 -11.98 3.02 9.10
C SER A 483 -11.09 1.83 8.73
N MET A 484 -10.68 1.74 7.46
CA MET A 484 -9.71 0.70 7.06
C MET A 484 -8.23 0.98 7.38
N GLN A 485 -7.89 2.13 7.98
CA GLN A 485 -6.49 2.39 8.32
C GLN A 485 -6.08 1.60 9.56
N THR A 486 -4.79 1.36 9.69
CA THR A 486 -4.28 0.55 10.77
C THR A 486 -3.00 1.15 11.38
N VAL A 487 -2.44 0.49 12.40
CA VAL A 487 -1.31 1.05 13.20
C VAL A 487 0.10 0.55 12.85
N PHE A 488 1.07 1.39 13.21
CA PHE A 488 2.48 1.01 13.20
C PHE A 488 3.25 1.75 14.31
N VAL A 489 4.05 0.96 15.04
CA VAL A 489 4.95 1.45 16.05
C VAL A 489 6.26 0.66 15.90
N GLY A 490 7.36 1.38 15.66
CA GLY A 490 8.73 0.85 15.75
C GLY A 490 9.35 1.23 17.09
N TYR A 491 9.98 0.28 17.75
CA TYR A 491 10.59 0.52 19.03
C TYR A 491 11.72 -0.43 19.29
N GLY A 492 12.89 0.13 19.48
CA GLY A 492 14.05 -0.66 19.71
C GLY A 492 15.26 0.20 19.52
N SER A 493 16.38 -0.47 19.50
CA SER A 493 17.64 0.17 19.37
C SER A 493 17.83 0.95 18.10
N THR A 494 17.33 0.43 16.99
CA THR A 494 17.52 1.10 15.74
C THR A 494 16.43 2.05 15.29
N PHE A 495 15.40 2.21 16.08
CA PHE A 495 14.31 3.10 15.76
C PHE A 495 14.49 4.42 16.46
N LYS A 496 13.99 5.46 15.86
CA LYS A 496 14.13 6.77 16.43
C LYS A 496 13.51 6.78 17.81
N TYR A 497 13.69 7.88 18.51
CA TYR A 497 13.25 8.09 19.88
C TYR A 497 12.16 9.18 19.85
N LYS A 498 11.06 8.93 20.55
CA LYS A 498 9.87 9.82 20.59
C LYS A 498 9.57 10.57 19.27
N THR A 499 9.56 9.82 18.18
CA THR A 499 9.48 10.43 16.87
C THR A 499 8.17 10.08 16.21
N LYS A 500 7.41 11.11 15.92
CA LYS A 500 6.20 10.94 15.17
C LYS A 500 6.55 11.15 13.70
N VAL A 501 6.07 10.26 12.86
CA VAL A 501 6.31 10.40 11.43
C VAL A 501 4.97 10.39 10.69
N PRO A 502 4.92 10.91 9.45
CA PRO A 502 3.68 10.85 8.65
C PRO A 502 3.19 9.45 8.34
N PRO A 503 1.90 9.31 7.98
CA PRO A 503 1.40 8.07 7.36
C PRO A 503 2.21 7.53 6.17
N PHE A 504 2.26 6.21 6.04
CA PHE A 504 2.87 5.55 4.89
C PHE A 504 2.10 4.28 4.56
N GLU A 505 2.46 3.62 3.46
CA GLU A 505 1.80 2.38 3.06
C GLU A 505 2.59 1.14 3.53
N ASN A 506 1.88 0.11 3.96
CA ASN A 506 2.48 -1.15 4.43
C ASN A 506 3.49 -1.82 3.46
N ILE A 507 3.38 -1.54 2.17
CA ILE A 507 4.31 -2.11 1.21
C ILE A 507 5.75 -1.65 1.42
N GLU A 508 5.94 -0.58 2.19
CA GLU A 508 7.26 -0.05 2.53
C GLU A 508 7.90 -0.73 3.76
N LEU A 509 7.36 -1.83 4.25
CA LEU A 509 7.83 -2.38 5.56
C LEU A 509 8.78 -3.56 5.47
N TYR A 510 8.66 -4.35 4.40
CA TYR A 510 9.64 -5.38 4.05
C TYR A 510 11.09 -4.85 4.00
N ASN A 511 11.32 -3.78 3.24
CA ASN A 511 12.61 -3.10 3.13
C ASN A 511 13.12 -2.64 4.50
N VAL A 512 12.30 -1.92 5.25
CA VAL A 512 12.72 -1.46 6.59
C VAL A 512 13.09 -2.66 7.47
N MET A 513 12.17 -3.61 7.56
CA MET A 513 12.43 -4.88 8.24
C MET A 513 13.71 -5.57 7.74
N CYS A 514 14.02 -5.45 6.43
CA CYS A 514 15.30 -5.92 5.88
C CYS A 514 16.51 -5.07 6.34
N ASP A 515 16.39 -3.74 6.31
CA ASP A 515 17.36 -2.84 6.99
C ASP A 515 17.66 -3.16 8.50
N LEU A 516 16.67 -3.65 9.23
CA LEU A 516 16.85 -4.00 10.65
CA LEU A 516 16.87 -3.99 10.65
C LEU A 516 17.55 -5.34 10.87
N LEU A 517 17.66 -6.16 9.82
CA LEU A 517 18.39 -7.42 9.94
C LEU A 517 19.65 -7.48 9.05
N GLY A 518 20.08 -6.33 8.49
CA GLY A 518 21.15 -6.33 7.52
C GLY A 518 20.89 -7.24 6.32
N LEU A 519 19.68 -7.18 5.76
CA LEU A 519 19.33 -8.04 4.63
C LEU A 519 19.22 -7.16 3.41
N LYS A 520 19.61 -7.70 2.25
CA LYS A 520 19.39 -7.04 0.99
C LYS A 520 17.97 -7.43 0.62
N PRO A 521 17.09 -6.42 0.44
CA PRO A 521 15.71 -6.79 0.09
C PRO A 521 15.63 -7.35 -1.33
N ALA A 522 14.84 -8.43 -1.48
CA ALA A 522 14.43 -8.95 -2.78
C ALA A 522 13.62 -7.89 -3.53
N PRO A 523 13.61 -7.98 -4.86
CA PRO A 523 12.82 -7.01 -5.66
C PRO A 523 11.37 -6.81 -5.15
N ASN A 524 10.99 -5.58 -4.83
CA ASN A 524 9.62 -5.28 -4.35
C ASN A 524 9.05 -3.90 -4.75
N ASN A 525 7.85 -3.61 -4.24
CA ASN A 525 7.08 -2.40 -4.52
C ASN A 525 7.24 -1.29 -3.53
N GLY A 526 8.05 -1.48 -2.49
CA GLY A 526 8.37 -0.37 -1.60
C GLY A 526 9.38 0.50 -2.31
N THR A 527 9.66 1.67 -1.76
CA THR A 527 10.67 2.59 -2.32
C THR A 527 11.74 2.77 -1.27
N HIS A 528 12.83 2.04 -1.45
CA HIS A 528 13.80 1.75 -0.41
C HIS A 528 14.49 3.06 -0.12
N GLY A 529 14.37 3.55 1.10
CA GLY A 529 14.83 4.88 1.44
C GLY A 529 13.75 5.89 1.65
N SER A 530 12.49 5.51 1.39
CA SER A 530 11.34 6.40 1.63
C SER A 530 10.98 6.46 3.13
N LEU A 531 11.67 5.66 3.95
CA LEU A 531 11.32 5.47 5.34
C LEU A 531 12.52 5.58 6.29
N ASN A 532 13.62 6.14 5.81
CA ASN A 532 14.87 6.18 6.58
C ASN A 532 14.81 7.12 7.79
N HIS A 533 13.92 8.11 7.71
CA HIS A 533 13.52 8.93 8.87
C HIS A 533 12.80 8.21 9.99
N LEU A 534 12.46 6.94 9.80
CA LEU A 534 12.04 6.09 10.94
C LEU A 534 13.19 5.62 11.85
N LEU A 535 14.43 5.60 11.34
CA LEU A 535 15.55 4.97 12.02
C LEU A 535 16.64 5.96 12.40
N ARG A 536 17.41 5.59 13.40
CA ARG A 536 18.47 6.44 13.91
C ARG A 536 19.72 6.25 13.06
N THR A 537 19.91 5.06 12.49
CA THR A 537 20.97 4.77 11.47
C THR A 537 20.56 3.77 10.36
N ASN A 538 20.93 4.08 9.13
CA ASN A 538 20.55 3.27 7.96
C ASN A 538 21.77 2.54 7.42
N THR A 539 21.62 1.26 7.13
CA THR A 539 22.58 0.55 6.28
C THR A 539 22.33 0.84 4.77
N PHE A 540 21.35 1.68 4.44
CA PHE A 540 21.02 2.04 3.04
C PHE A 540 20.90 3.55 2.74
N ARG A 541 21.72 4.00 1.79
CA ARG A 541 21.62 5.33 1.22
C ARG A 541 20.98 5.11 -0.15
N PRO A 542 19.91 5.85 -0.45
CA PRO A 542 19.35 5.78 -1.78
C PRO A 542 20.15 6.62 -2.77
N THR A 543 20.14 6.21 -4.06
CA THR A 543 20.64 6.99 -5.21
C THR A 543 19.67 7.02 -6.41
N MET A 544 19.56 8.22 -6.98
CA MET A 544 18.79 8.49 -8.18
C MET A 544 19.08 7.48 -9.29
N PRO A 545 18.11 7.17 -10.16
CA PRO A 545 18.47 6.28 -11.30
C PRO A 545 19.10 7.02 -12.48
N GLU A 546 19.99 6.34 -13.19
CA GLU A 546 20.69 6.91 -14.32
C GLU A 546 19.73 7.23 -15.51
N GLU A 547 19.99 8.35 -16.19
CA GLU A 547 19.17 8.84 -17.30
C GLU A 547 19.51 8.05 -18.56
N VAL A 548 18.59 7.22 -19.05
CA VAL A 548 18.87 6.31 -20.19
C VAL A 548 19.00 7.06 -21.53
N THR A 549 18.07 7.95 -21.82
CA THR A 549 18.09 8.71 -23.04
C THR A 549 18.15 10.18 -22.68
N ARG A 550 19.20 10.83 -23.20
CA ARG A 550 19.40 12.26 -23.08
C ARG A 550 18.55 12.96 -24.13
N PRO A 551 18.10 14.19 -23.86
CA PRO A 551 17.24 14.98 -24.78
C PRO A 551 17.92 15.69 -25.98
N ASN A 552 17.23 15.73 -27.12
CA ASN A 552 17.57 16.69 -28.20
C ASN A 552 16.90 18.03 -27.90
N TYR A 553 17.50 19.10 -28.43
CA TYR A 553 17.04 20.46 -28.21
C TYR A 553 16.90 21.16 -29.57
N PRO A 554 16.02 20.62 -30.44
CA PRO A 554 15.96 21.08 -31.80
C PRO A 554 15.72 22.58 -31.89
N GLY A 555 16.50 23.27 -32.72
CA GLY A 555 16.15 24.62 -33.18
C GLY A 555 15.09 24.55 -34.28
N ILE A 556 14.89 25.68 -34.99
CA ILE A 556 13.88 25.74 -36.06
C ILE A 556 14.49 25.19 -37.34
N MET A 557 13.77 24.26 -37.96
CA MET A 557 14.38 23.24 -38.82
C MET A 557 13.60 22.97 -40.09
N TYR A 558 12.26 23.08 -40.02
CA TYR A 558 11.32 22.89 -41.14
C TYR A 558 10.49 24.14 -41.43
N LEU A 559 9.86 24.17 -42.59
CA LEU A 559 8.95 25.25 -42.96
C LEU A 559 7.49 24.79 -42.92
N GLN A 560 6.57 25.75 -42.78
CA GLN A 560 5.13 25.49 -42.84
C GLN A 560 4.62 24.97 -44.23
N SER A 561 5.49 24.98 -45.24
CA SER A 561 5.25 24.38 -46.55
C SER A 561 5.47 22.87 -46.49
N ASP A 562 6.32 22.44 -45.57
CA ASP A 562 6.63 21.01 -45.44
C ASP A 562 5.52 20.21 -44.74
N PHE A 563 4.49 20.89 -44.22
CA PHE A 563 3.40 20.29 -43.44
C PHE A 563 2.03 20.19 -44.12
N ASP A 564 1.44 18.98 -44.01
CA ASP A 564 0.17 18.59 -44.62
C ASP A 564 -0.79 18.16 -43.52
N LEU A 565 -1.09 19.08 -42.62
CA LEU A 565 -1.81 18.73 -41.40
C LEU A 565 -3.29 18.49 -41.58
N GLY A 566 -4.01 19.46 -42.16
CA GLY A 566 -5.47 19.44 -42.32
C GLY A 566 -6.18 19.92 -41.07
N THR A 592 11.64 30.37 -19.09
CA THR A 592 10.99 29.08 -18.87
C THR A 592 11.51 28.39 -17.60
N GLU A 593 12.78 27.97 -17.60
CA GLU A 593 13.33 27.12 -16.50
C GLU A 593 13.40 27.85 -15.15
N GLU A 594 13.39 29.18 -15.16
CA GLU A 594 13.19 29.97 -13.94
C GLU A 594 11.72 29.88 -13.44
N ARG A 595 10.75 29.76 -14.35
CA ARG A 595 9.33 29.83 -14.01
C ARG A 595 8.54 28.50 -14.10
N HIS A 596 8.85 27.66 -15.10
CA HIS A 596 7.97 26.54 -15.52
C HIS A 596 8.44 25.13 -15.23
N LEU A 597 9.74 24.94 -15.05
CA LEU A 597 10.32 23.65 -14.77
C LEU A 597 11.10 23.83 -13.48
N LEU A 598 10.37 23.81 -12.37
CA LEU A 598 10.86 24.27 -11.07
C LEU A 598 11.82 23.34 -10.34
N TYR A 599 11.76 22.05 -10.70
CA TYR A 599 12.45 20.99 -9.93
C TYR A 599 13.27 20.11 -10.84
N GLY A 600 13.65 20.64 -12.00
CA GLY A 600 14.41 19.87 -12.99
C GLY A 600 13.55 18.93 -13.82
N ARG A 601 14.11 18.51 -14.93
CA ARG A 601 13.38 17.72 -15.90
C ARG A 601 13.25 16.28 -15.48
N PRO A 602 12.20 15.59 -15.96
CA PRO A 602 12.13 14.17 -15.64
C PRO A 602 13.14 13.38 -16.44
N ALA A 603 13.65 12.32 -15.84
CA ALA A 603 14.59 11.45 -16.51
C ALA A 603 13.82 10.37 -17.28
N VAL A 604 14.11 10.25 -18.57
CA VAL A 604 13.56 9.18 -19.39
C VAL A 604 14.37 7.94 -19.11
N LEU A 605 13.72 6.90 -18.56
CA LEU A 605 14.44 5.75 -18.00
C LEU A 605 14.45 4.52 -18.90
N TYR A 606 14.00 4.70 -20.14
CA TYR A 606 14.02 3.67 -21.18
C TYR A 606 14.67 4.26 -22.42
N ARG A 607 15.04 3.43 -23.40
CA ARG A 607 15.65 3.90 -24.66
C ARG A 607 14.60 4.38 -25.71
N THR A 608 14.74 5.64 -26.12
CA THR A 608 13.98 6.30 -27.19
C THR A 608 14.66 7.64 -27.55
N ARG A 609 14.12 8.26 -28.59
CA ARG A 609 14.46 9.60 -29.01
C ARG A 609 13.35 10.57 -28.58
N TYR A 610 13.73 11.71 -27.99
CA TYR A 610 12.77 12.79 -27.68
C TYR A 610 13.38 14.21 -27.59
N ASP A 611 12.52 15.21 -27.83
CA ASP A 611 12.88 16.65 -27.90
C ASP A 611 12.28 17.48 -26.77
N ILE A 612 13.13 18.27 -26.08
CA ILE A 612 12.64 19.33 -25.19
C ILE A 612 12.24 20.52 -26.07
N LEU A 613 11.11 21.14 -25.75
CA LEU A 613 10.57 22.27 -26.50
C LEU A 613 10.17 23.43 -25.54
N TYR A 614 10.79 24.60 -25.74
CA TYR A 614 10.54 25.79 -24.91
C TYR A 614 9.50 26.74 -25.49
N HIS A 615 8.76 27.39 -24.60
CA HIS A 615 7.73 28.34 -24.92
C HIS A 615 7.65 29.27 -23.70
N THR A 616 6.85 30.31 -23.85
CA THR A 616 6.62 31.33 -22.84
C THR A 616 5.88 30.78 -21.61
N ASP A 617 4.76 30.10 -21.87
CA ASP A 617 3.90 29.59 -20.80
C ASP A 617 4.30 28.22 -20.27
N PHE A 618 4.92 27.36 -21.08
CA PHE A 618 5.25 25.97 -20.66
C PHE A 618 6.55 25.39 -21.22
N GLU A 619 6.96 24.26 -20.64
CA GLU A 619 8.06 23.44 -21.19
C GLU A 619 7.56 22.02 -21.40
N SER A 620 8.11 21.34 -22.41
CA SER A 620 7.71 19.97 -22.72
C SER A 620 8.82 19.06 -23.30
N GLY A 621 8.75 17.78 -22.90
CA GLY A 621 9.51 16.68 -23.52
C GLY A 621 8.56 15.94 -24.45
N TYR A 622 8.93 15.82 -25.74
CA TYR A 622 8.01 15.42 -26.80
C TYR A 622 8.51 14.13 -27.50
N SER A 623 7.70 13.08 -27.41
CA SER A 623 8.15 11.77 -27.90
C SER A 623 7.94 11.65 -29.36
N GLU A 624 9.04 11.39 -30.06
CA GLU A 624 9.00 11.11 -31.48
C GLU A 624 8.37 9.75 -31.70
N ILE A 625 8.62 8.79 -30.81
CA ILE A 625 8.04 7.45 -30.97
C ILE A 625 6.49 7.48 -30.84
N PHE A 626 5.99 8.14 -29.79
CA PHE A 626 4.56 8.22 -29.47
C PHE A 626 3.81 9.40 -30.05
N LEU A 627 4.52 10.33 -30.72
CA LEU A 627 3.86 11.44 -31.45
C LEU A 627 3.19 12.47 -30.54
N MET A 628 3.57 12.54 -29.26
CA MET A 628 3.04 13.54 -28.33
C MET A 628 4.03 13.77 -27.19
N PRO A 629 3.75 14.73 -26.28
CA PRO A 629 4.64 14.86 -25.10
C PRO A 629 4.50 13.71 -24.14
N LEU A 630 5.60 13.40 -23.44
CA LEU A 630 5.61 12.51 -22.27
C LEU A 630 5.36 13.27 -20.96
N TRP A 631 5.49 14.60 -21.04
CA TRP A 631 5.27 15.51 -19.93
C TRP A 631 5.18 16.97 -20.43
N THR A 632 4.34 17.77 -19.78
CA THR A 632 4.27 19.18 -20.04
C THR A 632 4.26 19.87 -18.67
N SER A 633 5.28 20.65 -18.38
CA SER A 633 5.39 21.33 -17.08
C SER A 633 5.07 22.79 -17.28
N TYR A 634 4.36 23.37 -16.30
CA TYR A 634 3.99 24.77 -16.34
C TYR A 634 3.51 25.26 -14.99
N THR A 635 3.57 26.56 -14.79
CA THR A 635 3.42 27.17 -13.47
C THR A 635 2.39 28.30 -13.56
N VAL A 636 1.20 28.05 -13.03
CA VAL A 636 0.21 29.10 -12.78
C VAL A 636 0.54 29.79 -11.45
N SER A 637 0.70 31.12 -11.49
CA SER A 637 0.91 31.94 -10.31
C SER A 637 -0.44 32.25 -9.67
N LYS A 638 -0.43 32.69 -8.42
CA LYS A 638 -1.67 32.86 -7.64
C LYS A 638 -2.73 33.74 -8.33
N GLN A 639 -2.28 34.90 -8.84
CA GLN A 639 -3.15 35.96 -9.36
C GLN A 639 -3.33 35.92 -10.90
N ALA A 640 -3.34 34.73 -11.52
CA ALA A 640 -3.42 34.60 -13.00
C ALA A 640 -4.83 34.89 -13.54
N CYS A 652 -8.26 25.31 -34.47
CA CYS A 652 -6.93 25.88 -34.72
C CYS A 652 -5.84 24.96 -34.22
N VAL A 653 -5.01 24.44 -35.13
CA VAL A 653 -3.86 23.61 -34.78
C VAL A 653 -2.80 23.88 -35.80
N ARG A 654 -1.67 24.43 -35.36
CA ARG A 654 -0.61 24.85 -36.28
C ARG A 654 0.59 23.91 -36.15
N PRO A 655 1.42 23.80 -37.22
CA PRO A 655 2.59 22.91 -37.16
C PRO A 655 3.72 23.41 -36.28
N ASP A 656 4.41 22.47 -35.65
CA ASP A 656 5.63 22.82 -34.95
C ASP A 656 6.87 22.75 -35.89
N VAL A 657 7.43 23.94 -36.13
CA VAL A 657 8.59 24.12 -37.00
C VAL A 657 9.89 23.53 -36.42
N ARG A 658 9.90 23.00 -35.17
CA ARG A 658 11.08 22.23 -34.69
C ARG A 658 11.00 20.74 -34.97
N VAL A 659 9.78 20.23 -35.12
CA VAL A 659 9.55 18.80 -35.29
C VAL A 659 9.16 18.43 -36.71
N SER A 660 9.76 17.35 -37.21
CA SER A 660 9.52 16.83 -38.56
C SER A 660 8.04 16.57 -38.76
N PRO A 661 7.56 16.72 -40.01
CA PRO A 661 6.24 16.20 -40.37
C PRO A 661 6.13 14.70 -40.12
N SER A 662 7.24 14.00 -40.27
CA SER A 662 7.30 12.57 -40.08
C SER A 662 6.97 12.18 -38.65
N PHE A 663 7.40 13.03 -37.71
CA PHE A 663 7.29 12.82 -36.26
C PHE A 663 6.16 13.62 -35.58
N SER A 664 5.34 14.31 -36.37
CA SER A 664 4.17 15.07 -35.89
C SER A 664 2.86 14.30 -36.11
N GLN A 665 1.80 14.74 -35.41
CA GLN A 665 0.42 14.26 -35.66
C GLN A 665 -0.22 15.08 -36.75
N ASN A 666 -1.45 14.73 -37.10
CA ASN A 666 -2.19 15.50 -38.08
C ASN A 666 -3.70 15.43 -37.78
N CYS A 667 -4.35 16.59 -37.87
CA CYS A 667 -5.82 16.73 -37.70
C CYS A 667 -6.66 15.75 -38.52
N LEU A 668 -6.17 15.38 -39.72
CA LEU A 668 -6.92 14.50 -40.61
C LEU A 668 -7.26 13.19 -39.93
N ALA A 669 -6.29 12.60 -39.25
CA ALA A 669 -6.50 11.38 -38.48
C ALA A 669 -7.75 11.48 -37.61
N TYR A 670 -7.95 12.61 -36.94
CA TYR A 670 -9.13 12.75 -36.06
C TYR A 670 -10.46 12.81 -36.83
N LYS A 671 -10.41 13.21 -38.10
CA LYS A 671 -11.62 13.20 -38.96
C LYS A 671 -11.97 11.75 -39.32
N ASN A 672 -10.96 10.90 -39.42
CA ASN A 672 -11.20 9.49 -39.76
C ASN A 672 -11.86 8.82 -38.60
N ASP A 673 -11.26 8.96 -37.42
CA ASP A 673 -11.82 8.40 -36.20
C ASP A 673 -13.16 8.97 -35.76
N LYS A 674 -14.16 8.09 -35.70
CA LYS A 674 -15.56 8.48 -35.46
C LYS A 674 -15.78 8.79 -34.00
N GLN A 675 -14.87 8.27 -33.13
CA GLN A 675 -15.01 8.28 -31.68
C GLN A 675 -14.05 9.19 -30.95
N MET A 676 -12.94 9.52 -31.60
CA MET A 676 -11.86 10.20 -30.95
C MET A 676 -11.80 11.69 -31.35
N SER A 677 -11.52 12.53 -30.36
CA SER A 677 -11.38 13.97 -30.59
C SER A 677 -9.94 14.33 -30.17
N TYR A 678 -9.68 15.57 -29.75
CA TYR A 678 -8.40 15.93 -29.16
C TYR A 678 -8.48 17.00 -28.11
N GLY A 679 -7.44 17.10 -27.29
CA GLY A 679 -7.35 18.08 -26.20
C GLY A 679 -5.93 18.53 -26.21
N PHE A 680 -5.55 19.41 -25.27
CA PHE A 680 -4.16 19.94 -25.21
C PHE A 680 -3.56 19.84 -23.81
N LEU A 681 -2.30 19.43 -23.71
CA LEU A 681 -1.70 19.26 -22.36
C LEU A 681 -1.56 20.56 -21.61
N PHE A 682 -0.80 21.52 -22.16
CA PHE A 682 -0.91 22.89 -21.68
C PHE A 682 -2.26 23.43 -22.11
N PRO A 683 -3.11 23.89 -21.16
CA PRO A 683 -4.45 24.42 -21.48
C PRO A 683 -4.41 25.79 -22.14
N PRO A 684 -4.94 25.91 -23.36
CA PRO A 684 -4.94 27.24 -23.98
C PRO A 684 -5.52 28.29 -23.04
N TYR A 685 -6.64 27.94 -22.41
CA TYR A 685 -7.32 28.80 -21.41
C TYR A 685 -6.44 29.53 -20.38
N LEU A 686 -5.16 29.15 -20.22
CA LEU A 686 -4.25 29.77 -19.20
C LEU A 686 -3.06 30.54 -19.79
N SER A 687 -2.98 30.65 -21.11
CA SER A 687 -1.91 31.46 -21.72
C SER A 687 -1.88 32.92 -21.21
N SER A 688 -0.68 33.47 -21.13
CA SER A 688 -0.41 34.72 -20.42
C SER A 688 -0.85 35.94 -21.22
N SER A 689 -0.61 35.87 -22.51
CA SER A 689 -1.08 36.84 -23.49
C SER A 689 -1.77 36.13 -24.64
N PRO A 690 -2.38 36.91 -25.57
CA PRO A 690 -2.94 36.28 -26.77
C PRO A 690 -1.87 35.97 -27.83
N GLU A 691 -0.81 36.77 -27.94
CA GLU A 691 0.36 36.35 -28.77
C GLU A 691 0.69 34.91 -28.37
N ALA A 692 0.97 34.73 -27.09
CA ALA A 692 1.40 33.44 -26.56
C ALA A 692 0.37 32.35 -26.71
N LYS A 693 -0.92 32.69 -26.78
CA LYS A 693 -1.99 31.67 -26.82
C LYS A 693 -1.85 30.75 -28.01
N TYR A 694 -1.24 31.23 -29.09
CA TYR A 694 -1.05 30.44 -30.31
C TYR A 694 -0.06 29.29 -30.10
N ASP A 695 0.88 29.44 -29.16
CA ASP A 695 1.78 28.35 -28.72
C ASP A 695 1.04 27.09 -28.21
N ALA A 696 -0.10 27.32 -27.57
CA ALA A 696 -0.90 26.26 -26.99
C ALA A 696 -1.54 25.34 -28.02
N PHE A 697 -1.67 25.85 -29.23
CA PHE A 697 -2.29 25.16 -30.37
C PHE A 697 -1.28 24.51 -31.30
N LEU A 698 0.00 24.52 -30.92
CA LEU A 698 0.99 23.75 -31.63
C LEU A 698 0.54 22.30 -31.63
N VAL A 699 0.66 21.63 -32.78
CA VAL A 699 0.43 20.19 -32.96
C VAL A 699 1.19 19.30 -31.95
N THR A 700 2.22 19.88 -31.34
CA THR A 700 3.04 19.18 -30.36
C THR A 700 2.47 19.24 -28.92
N ASN A 701 1.40 20.02 -28.69
CA ASN A 701 0.72 20.08 -27.38
C ASN A 701 -0.64 19.35 -27.43
N MET A 702 -0.93 18.78 -28.60
CA MET A 702 -2.21 18.15 -28.93
C MET A 702 -2.14 16.69 -28.47
N VAL A 703 -3.26 16.17 -27.96
CA VAL A 703 -3.34 14.77 -27.51
C VAL A 703 -4.75 14.19 -27.69
N PRO A 704 -4.85 12.91 -28.03
CA PRO A 704 -6.13 12.35 -28.44
C PRO A 704 -7.03 12.10 -27.23
N MET A 705 -8.20 12.73 -27.24
CA MET A 705 -9.16 12.66 -26.14
C MET A 705 -10.53 12.28 -26.70
N TYR A 706 -11.26 11.36 -26.07
CA TYR A 706 -12.69 11.11 -26.33
C TYR A 706 -13.51 12.28 -25.80
N PRO A 707 -14.48 12.78 -26.58
CA PRO A 707 -15.43 13.81 -26.05
C PRO A 707 -15.84 13.61 -24.57
N ALA A 708 -16.30 12.41 -24.19
CA ALA A 708 -16.65 12.12 -22.78
C ALA A 708 -15.51 12.44 -21.85
N PHE A 709 -14.27 12.28 -22.31
CA PHE A 709 -13.10 12.64 -21.51
C PHE A 709 -12.86 14.15 -21.49
N LYS A 710 -12.99 14.82 -22.64
CA LYS A 710 -12.76 16.27 -22.74
C LYS A 710 -13.55 17.09 -21.74
N ARG A 711 -14.77 16.67 -21.43
CA ARG A 711 -15.55 17.31 -20.37
C ARG A 711 -14.78 17.33 -19.02
N VAL A 712 -14.02 16.26 -18.73
CA VAL A 712 -13.32 16.13 -17.45
C VAL A 712 -12.04 16.91 -17.48
N TRP A 713 -11.28 16.67 -18.54
CA TRP A 713 -10.07 17.39 -18.84
C TRP A 713 -10.27 18.91 -18.84
N ASN A 714 -11.24 19.39 -19.64
CA ASN A 714 -11.51 20.84 -19.76
C ASN A 714 -11.92 21.47 -18.45
N TYR A 715 -12.71 20.75 -17.66
CA TYR A 715 -13.11 21.28 -16.38
C TYR A 715 -11.90 21.44 -15.49
N PHE A 716 -11.06 20.42 -15.50
CA PHE A 716 -9.85 20.45 -14.71
C PHE A 716 -9.02 21.64 -15.12
N GLN A 717 -8.79 21.79 -16.41
CA GLN A 717 -7.88 22.82 -16.93
C GLN A 717 -8.36 24.25 -16.76
N ARG A 718 -9.65 24.43 -17.05
CA ARG A 718 -10.28 25.74 -16.98
C ARG A 718 -10.54 26.17 -15.54
N VAL A 719 -11.21 25.33 -14.76
CA VAL A 719 -11.69 25.74 -13.42
C VAL A 719 -10.77 25.36 -12.24
N LEU A 720 -10.31 24.12 -12.20
CA LEU A 720 -9.64 23.61 -11.01
C LEU A 720 -8.19 24.09 -10.87
N VAL A 721 -7.44 24.13 -11.95
CA VAL A 721 -6.05 24.60 -11.87
C VAL A 721 -5.97 26.02 -11.36
N LYS A 722 -6.71 26.93 -11.99
CA LYS A 722 -6.91 28.30 -11.45
C LYS A 722 -7.26 28.16 -9.97
N LYS A 723 -8.28 27.36 -9.65
CA LYS A 723 -8.70 27.17 -8.24
C LYS A 723 -7.53 26.80 -7.33
N TYR A 724 -6.89 25.67 -7.63
CA TYR A 724 -5.81 25.14 -6.83
C TYR A 724 -4.63 26.10 -6.80
N ALA A 725 -4.50 26.96 -7.82
CA ALA A 725 -3.45 28.00 -7.82
C ALA A 725 -3.75 29.21 -6.93
N SER A 726 -5.02 29.54 -6.72
CA SER A 726 -5.40 30.52 -5.66
C SER A 726 -5.28 29.96 -4.24
N GLU A 727 -5.76 28.74 -4.06
CA GLU A 727 -5.74 28.03 -2.78
C GLU A 727 -4.32 27.80 -2.21
N ARG A 728 -3.42 27.29 -3.05
CA ARG A 728 -2.08 26.84 -2.63
C ARG A 728 -0.95 27.85 -2.98
N ASN A 729 -1.35 29.11 -3.26
CA ASN A 729 -0.43 30.16 -3.72
C ASN A 729 0.50 29.71 -4.84
N GLY A 730 -0.14 29.26 -5.92
CA GLY A 730 0.52 28.95 -7.19
C GLY A 730 0.70 27.46 -7.30
N VAL A 731 0.67 26.90 -8.52
CA VAL A 731 0.99 25.46 -8.68
C VAL A 731 1.86 25.22 -9.90
N ASN A 732 2.67 24.16 -9.87
CA ASN A 732 3.42 23.71 -11.04
C ASN A 732 2.84 22.35 -11.39
N VAL A 733 2.27 22.28 -12.58
CA VAL A 733 1.55 21.11 -13.05
C VAL A 733 2.48 20.40 -13.98
N ILE A 734 2.56 19.08 -13.89
CA ILE A 734 3.19 18.29 -14.94
C ILE A 734 2.17 17.28 -15.39
N SER A 735 1.74 17.38 -16.65
CA SER A 735 0.77 16.46 -17.22
C SER A 735 1.33 15.71 -18.40
N GLY A 736 0.87 14.46 -18.56
CA GLY A 736 1.12 13.71 -19.77
C GLY A 736 0.20 12.51 -19.94
N PRO A 737 0.47 11.69 -20.96
CA PRO A 737 -0.24 10.48 -21.24
C PRO A 737 0.41 9.26 -20.58
N ILE A 738 -0.38 8.19 -20.49
CA ILE A 738 0.02 6.92 -19.89
C ILE A 738 -0.54 5.76 -20.69
N PHE A 739 0.34 4.84 -21.10
CA PHE A 739 -0.07 3.67 -21.87
C PHE A 739 0.13 2.46 -20.98
N ASP A 740 -0.98 1.79 -20.64
CA ASP A 740 -0.92 0.55 -19.88
C ASP A 740 -2.05 -0.42 -20.30
N TYR A 741 -1.93 -0.89 -21.54
CA TYR A 741 -2.90 -1.79 -22.11
C TYR A 741 -2.94 -3.15 -21.42
N ASP A 742 -1.83 -3.61 -20.90
CA ASP A 742 -1.79 -4.90 -20.22
C ASP A 742 -2.01 -4.78 -18.71
N TYR A 743 -2.23 -3.55 -18.23
CA TYR A 743 -2.61 -3.29 -16.85
C TYR A 743 -1.68 -3.94 -15.79
N ASP A 744 -0.39 -3.96 -16.10
CA ASP A 744 0.63 -4.40 -15.14
C ASP A 744 1.08 -3.27 -14.23
N GLY A 745 0.63 -2.03 -14.54
CA GLY A 745 1.05 -0.81 -13.85
C GLY A 745 2.42 -0.30 -14.29
N LEU A 746 2.95 -0.87 -15.36
CA LEU A 746 4.20 -0.44 -15.94
C LEU A 746 3.96 0.15 -17.32
N HIS A 747 4.68 1.23 -17.62
CA HIS A 747 4.71 1.82 -18.95
C HIS A 747 4.76 0.74 -20.02
N ASP A 748 4.11 0.99 -21.15
CA ASP A 748 4.00 0.01 -22.25
C ASP A 748 5.11 0.13 -23.28
N THR A 749 5.58 -1.02 -23.77
CA THR A 749 6.39 -1.09 -25.00
C THR A 749 5.47 -0.99 -26.19
N GLU A 750 6.00 -0.44 -27.28
CA GLU A 750 5.28 -0.29 -28.56
C GLU A 750 4.40 -1.49 -28.95
N ASP A 751 4.90 -2.72 -28.80
CA ASP A 751 4.14 -3.90 -29.21
C ASP A 751 2.93 -4.27 -28.33
N LYS A 752 2.61 -3.44 -27.33
CA LYS A 752 1.47 -3.66 -26.42
C LYS A 752 0.24 -2.76 -26.62
N ILE A 753 0.46 -1.59 -27.21
CA ILE A 753 -0.59 -0.60 -27.48
C ILE A 753 -1.58 -1.27 -28.41
N LYS A 754 -2.86 -1.24 -28.06
CA LYS A 754 -3.87 -1.96 -28.82
C LYS A 754 -4.77 -1.01 -29.55
N GLN A 755 -4.53 0.29 -29.41
CA GLN A 755 -5.41 1.28 -30.01
C GLN A 755 -4.61 2.43 -30.61
N TYR A 756 -4.94 2.81 -31.84
CA TYR A 756 -4.34 3.98 -32.47
C TYR A 756 -5.49 4.82 -32.94
N VAL A 757 -5.22 6.09 -33.22
CA VAL A 757 -6.24 6.98 -33.76
C VAL A 757 -6.53 6.45 -35.15
N GLU A 758 -7.77 6.04 -35.39
CA GLU A 758 -8.18 5.35 -36.63
C GLU A 758 -7.49 5.97 -37.83
N GLY A 759 -6.63 5.19 -38.49
CA GLY A 759 -5.92 5.60 -39.70
C GLY A 759 -4.43 5.83 -39.58
N SER A 760 -3.93 5.99 -38.35
CA SER A 760 -2.64 6.64 -38.09
C SER A 760 -1.73 5.82 -37.22
N SER A 761 -0.59 6.42 -36.87
CA SER A 761 0.35 5.90 -35.87
C SER A 761 0.25 6.65 -34.51
N ILE A 762 -0.87 7.32 -34.29
CA ILE A 762 -1.09 8.10 -33.06
C ILE A 762 -1.67 7.16 -32.00
N PRO A 763 -0.84 6.76 -31.04
CA PRO A 763 -1.29 5.79 -30.08
C PRO A 763 -2.26 6.44 -29.07
N VAL A 764 -3.19 5.65 -28.56
CA VAL A 764 -4.22 6.17 -27.68
C VAL A 764 -3.80 5.83 -26.26
N PRO A 765 -3.79 6.87 -25.38
CA PRO A 765 -3.51 6.61 -23.98
C PRO A 765 -4.66 5.91 -23.30
N THR A 766 -4.33 5.10 -22.30
CA THR A 766 -5.33 4.49 -21.45
C THR A 766 -5.67 5.40 -20.25
N HIS A 767 -4.74 6.29 -19.91
CA HIS A 767 -4.89 7.26 -18.84
C HIS A 767 -4.11 8.56 -19.16
N TYR A 768 -4.44 9.61 -18.43
CA TYR A 768 -3.69 10.86 -18.45
C TYR A 768 -3.47 11.30 -17.00
N TYR A 769 -2.29 11.83 -16.72
CA TYR A 769 -1.91 12.16 -15.36
C TYR A 769 -1.64 13.64 -15.25
N SER A 770 -1.66 14.13 -13.99
CA SER A 770 -1.12 15.44 -13.62
C SER A 770 -0.39 15.28 -12.32
N ILE A 771 0.69 16.04 -12.17
CA ILE A 771 1.34 16.14 -10.87
C ILE A 771 1.35 17.58 -10.44
N ILE A 772 0.72 17.85 -9.29
CA ILE A 772 0.45 19.21 -8.85
C ILE A 772 1.21 19.57 -7.56
N THR A 773 2.07 20.57 -7.66
CA THR A 773 3.06 20.83 -6.64
C THR A 773 3.09 22.31 -6.27
N SER A 774 3.22 22.58 -4.98
CA SER A 774 3.41 23.93 -4.51
C SER A 774 4.33 23.92 -3.29
N CYS A 775 4.60 25.09 -2.76
CA CYS A 775 5.36 25.18 -1.55
C CYS A 775 4.49 24.69 -0.41
N LEU A 776 5.01 23.82 0.45
CA LEU A 776 4.27 23.43 1.67
C LEU A 776 4.03 24.65 2.57
N ASP A 777 5.10 25.44 2.73
CA ASP A 777 4.99 26.83 3.21
C ASP A 777 4.37 27.74 2.13
N PHE A 778 3.06 27.90 2.21
CA PHE A 778 2.30 28.64 1.21
C PHE A 778 2.31 30.15 1.36
N THR A 779 2.98 30.65 2.39
CA THR A 779 3.40 32.06 2.41
C THR A 779 4.43 32.37 1.34
N GLN A 780 5.13 31.36 0.82
CA GLN A 780 5.97 31.54 -0.34
C GLN A 780 5.27 30.97 -1.55
N PRO A 781 5.23 31.73 -2.68
CA PRO A 781 4.67 31.16 -3.91
C PRO A 781 5.42 29.92 -4.40
N ALA A 782 4.76 29.16 -5.28
CA ALA A 782 5.35 27.95 -5.88
C ALA A 782 6.71 28.15 -6.50
N ASP A 783 6.92 29.26 -7.21
CA ASP A 783 8.25 29.55 -7.87
C ASP A 783 9.38 30.15 -6.98
N LYS A 784 9.04 30.64 -5.80
CA LYS A 784 10.03 31.29 -4.89
C LYS A 784 10.08 30.56 -3.55
N CYS A 785 10.27 29.22 -3.59
CA CYS A 785 10.09 28.32 -2.42
C CYS A 785 11.38 27.63 -1.98
N ASP A 786 11.76 27.85 -0.70
CA ASP A 786 13.08 27.46 -0.15
C ASP A 786 13.09 26.12 0.60
N GLY A 787 11.99 25.86 1.28
CA GLY A 787 11.83 24.62 2.02
C GLY A 787 10.99 23.60 1.28
N PRO A 788 10.49 22.60 2.02
CA PRO A 788 9.81 21.44 1.43
C PRO A 788 8.53 21.73 0.61
N LEU A 789 8.22 20.74 -0.19
CA LEU A 789 7.17 20.79 -1.17
C LEU A 789 5.87 20.22 -0.62
N SER A 790 4.78 20.59 -1.29
CA SER A 790 3.47 20.00 -1.10
C SER A 790 3.07 19.54 -2.47
N VAL A 791 2.52 18.33 -2.54
CA VAL A 791 2.19 17.69 -3.82
C VAL A 791 0.83 17.01 -3.73
N SER A 792 0.15 16.94 -4.88
CA SER A 792 -1.05 16.15 -5.01
C SER A 792 -1.13 15.67 -6.43
N SER A 793 -1.82 14.56 -6.64
CA SER A 793 -1.70 13.88 -7.91
C SER A 793 -2.87 12.98 -8.26
N PHE A 794 -3.01 12.75 -9.58
CA PHE A 794 -3.97 11.81 -10.10
C PHE A 794 -3.61 11.21 -11.46
N ILE A 795 -4.25 10.07 -11.72
CA ILE A 795 -4.25 9.39 -12.99
C ILE A 795 -5.71 9.12 -13.33
N LEU A 796 -6.20 9.72 -14.40
CA LEU A 796 -7.58 9.54 -14.81
C LEU A 796 -7.69 8.56 -15.96
N PRO A 797 -8.65 7.59 -15.85
CA PRO A 797 -8.86 6.69 -16.98
C PRO A 797 -9.48 7.41 -18.15
N HIS A 798 -8.83 7.23 -19.28
CA HIS A 798 -9.23 7.83 -20.50
C HIS A 798 -10.24 6.85 -21.11
N ARG A 799 -11.48 6.96 -20.62
CA ARG A 799 -12.61 6.20 -21.17
C ARG A 799 -13.51 7.08 -22.05
N PRO A 800 -14.18 6.47 -23.06
CA PRO A 800 -15.08 7.16 -23.99
C PRO A 800 -16.51 7.41 -23.48
N ASP A 801 -16.84 6.96 -22.28
CA ASP A 801 -18.12 7.25 -21.66
C ASP A 801 -17.85 7.84 -20.28
N ASN A 802 -18.87 8.44 -19.68
CA ASN A 802 -18.81 8.81 -18.27
C ASN A 802 -19.68 7.91 -17.41
N GLU A 803 -19.83 6.66 -17.85
CA GLU A 803 -20.59 5.67 -17.08
C GLU A 803 -20.11 5.42 -15.65
N GLU A 804 -18.85 5.74 -15.34
CA GLU A 804 -18.38 5.77 -13.93
C GLU A 804 -19.09 6.78 -13.01
N SER A 805 -19.47 7.94 -13.54
CA SER A 805 -20.05 9.03 -12.77
C SER A 805 -21.58 9.08 -12.96
N CYS A 806 -22.31 8.42 -12.07
CA CYS A 806 -23.77 8.41 -12.13
C CYS A 806 -24.43 9.82 -12.24
N ASN A 807 -23.74 10.86 -11.75
CA ASN A 807 -24.12 12.27 -11.95
C ASN A 807 -23.63 12.96 -13.23
N SER A 808 -22.92 12.25 -14.12
CA SER A 808 -22.38 12.86 -15.37
C SER A 808 -23.36 13.73 -16.17
N SER A 809 -24.66 13.44 -16.07
CA SER A 809 -25.74 14.22 -16.71
C SER A 809 -25.84 15.69 -16.26
N GLU A 810 -25.37 16.00 -15.07
CA GLU A 810 -25.40 17.38 -14.55
C GLU A 810 -24.13 18.13 -14.89
N ASP A 811 -24.10 19.40 -14.49
CA ASP A 811 -22.98 20.28 -14.80
C ASP A 811 -21.72 19.76 -14.11
N GLU A 812 -20.59 19.90 -14.81
CA GLU A 812 -19.30 19.33 -14.39
C GLU A 812 -18.86 19.62 -12.97
N SER A 813 -19.38 20.68 -12.36
CA SER A 813 -19.07 21.04 -10.96
C SER A 813 -19.65 20.09 -9.90
N LYS A 814 -20.65 19.30 -10.28
CA LYS A 814 -21.33 18.36 -9.39
C LYS A 814 -20.83 16.90 -9.52
N TRP A 815 -19.67 16.68 -10.19
CA TRP A 815 -19.19 15.30 -10.43
C TRP A 815 -17.74 15.08 -10.91
N VAL A 816 -17.15 16.04 -11.64
CA VAL A 816 -15.76 15.89 -12.11
C VAL A 816 -14.72 15.81 -11.02
N GLU A 817 -14.74 16.79 -10.11
CA GLU A 817 -13.75 16.87 -9.07
C GLU A 817 -13.85 15.64 -8.18
N GLU A 818 -15.06 15.08 -8.07
CA GLU A 818 -15.23 13.85 -7.28
C GLU A 818 -14.55 12.69 -8.02
N LEU A 819 -14.77 12.59 -9.32
CA LEU A 819 -14.13 11.54 -10.13
C LEU A 819 -12.62 11.59 -9.94
N MET A 820 -12.04 12.77 -10.13
CA MET A 820 -10.59 12.96 -9.89
C MET A 820 -10.08 12.48 -8.51
N LYS A 821 -10.80 12.83 -7.46
CA LYS A 821 -10.37 12.49 -6.11
C LYS A 821 -10.31 10.96 -5.93
N MET A 822 -11.23 10.24 -6.58
CA MET A 822 -11.27 8.79 -6.56
C MET A 822 -10.08 8.15 -7.22
N HIS A 823 -9.46 8.88 -8.17
CA HIS A 823 -8.29 8.44 -8.91
C HIS A 823 -7.03 9.23 -8.51
N THR A 824 -7.00 9.72 -7.26
CA THR A 824 -5.77 10.23 -6.63
C THR A 824 -4.67 9.15 -6.70
N ALA A 825 -3.42 9.57 -6.82
CA ALA A 825 -2.34 8.62 -7.07
C ALA A 825 -1.02 9.10 -6.53
N ARG A 826 -0.09 8.18 -6.28
CA ARG A 826 1.25 8.59 -5.85
C ARG A 826 2.07 9.02 -7.05
N VAL A 827 2.92 10.00 -6.86
CA VAL A 827 3.90 10.34 -7.88
C VAL A 827 4.55 9.05 -8.39
N ARG A 828 4.91 8.16 -7.47
CA ARG A 828 5.60 6.89 -7.80
CA ARG A 828 5.59 6.90 -7.80
C ARG A 828 4.79 6.03 -8.76
N ASP A 829 3.47 6.05 -8.59
CA ASP A 829 2.57 5.30 -9.47
C ASP A 829 2.70 5.78 -10.90
N ILE A 830 2.74 7.10 -11.06
CA ILE A 830 2.99 7.77 -12.35
C ILE A 830 4.40 7.49 -12.85
N GLU A 831 5.37 7.35 -11.95
CA GLU A 831 6.71 6.94 -12.37
C GLU A 831 6.75 5.52 -12.95
N HIS A 832 6.07 4.57 -12.31
CA HIS A 832 5.96 3.20 -12.82
C HIS A 832 5.28 3.15 -14.19
N LEU A 833 4.20 3.91 -14.29
CA LEU A 833 3.41 3.96 -15.50
C LEU A 833 4.07 4.68 -16.65
N THR A 834 4.99 5.62 -16.38
CA THR A 834 5.68 6.38 -17.46
C THR A 834 7.11 5.96 -17.71
N SER A 835 7.76 5.27 -16.76
CA SER A 835 9.23 5.20 -16.69
C SER A 835 9.90 6.60 -16.78
N LEU A 836 9.33 7.58 -16.09
CA LEU A 836 9.97 8.86 -15.87
C LEU A 836 10.39 8.93 -14.44
N ASP A 837 11.26 9.87 -14.18
CA ASP A 837 11.73 10.13 -12.83
C ASP A 837 11.72 11.62 -12.63
N PHE A 838 11.00 12.06 -11.61
CA PHE A 838 10.73 13.45 -11.32
C PHE A 838 11.46 13.96 -10.06
N PHE A 839 11.41 15.28 -9.86
CA PHE A 839 12.09 15.98 -8.76
C PHE A 839 13.62 15.69 -8.63
N ARG A 840 14.32 15.60 -9.74
CA ARG A 840 15.74 15.26 -9.70
C ARG A 840 16.64 16.47 -9.38
N LYS A 841 16.12 17.70 -9.44
CA LYS A 841 16.90 18.89 -9.07
C LYS A 841 16.09 19.80 -8.12
N THR A 842 16.28 19.58 -6.82
CA THR A 842 15.63 20.33 -5.75
C THR A 842 16.65 20.73 -4.71
N SER A 843 16.24 21.57 -3.77
CA SER A 843 17.04 21.89 -2.57
C SER A 843 16.97 20.85 -1.42
N ARG A 844 16.33 19.70 -1.64
CA ARG A 844 15.97 18.75 -0.59
C ARG A 844 16.75 17.47 -0.72
N SER A 845 16.85 16.73 0.39
CA SER A 845 17.62 15.50 0.43
C SER A 845 16.85 14.40 -0.25
N TYR A 846 17.56 13.57 -1.01
CA TYR A 846 16.91 12.52 -1.80
C TYR A 846 15.86 11.67 -1.03
N PRO A 847 16.20 11.16 0.18
CA PRO A 847 15.22 10.34 0.90
C PRO A 847 13.90 11.06 1.24
N GLU A 848 13.96 12.38 1.44
CA GLU A 848 12.77 13.22 1.67
C GLU A 848 11.91 13.33 0.38
N ILE A 849 12.58 13.36 -0.75
CA ILE A 849 11.92 13.39 -2.06
C ILE A 849 11.19 12.07 -2.28
N LEU A 850 11.77 10.96 -1.83
CA LEU A 850 11.13 9.64 -1.98
C LEU A 850 9.81 9.61 -1.20
N THR A 851 9.86 10.04 0.06
CA THR A 851 8.72 10.25 0.93
C THR A 851 7.68 11.12 0.26
N LEU A 852 8.14 12.22 -0.34
CA LEU A 852 7.27 13.06 -1.14
C LEU A 852 6.64 12.22 -2.24
N LYS A 853 7.47 11.45 -2.95
CA LYS A 853 7.01 10.60 -4.05
C LYS A 853 6.17 9.33 -3.68
N THR A 854 6.04 8.99 -2.39
CA THR A 854 5.19 7.88 -1.99
C THR A 854 3.88 8.39 -1.42
N TYR A 855 3.73 9.73 -1.42
CA TYR A 855 2.59 10.36 -0.72
C TYR A 855 1.33 10.24 -1.58
N LEU A 856 0.25 9.84 -0.94
CA LEU A 856 -1.07 9.77 -1.54
C LEU A 856 -1.97 10.74 -0.76
N HIS A 857 -2.58 11.67 -1.46
CA HIS A 857 -3.53 12.63 -0.87
C HIS A 857 -4.92 12.04 -0.97
N THR A 858 -5.32 11.29 0.04
CA THR A 858 -6.72 10.85 0.16
C THR A 858 -7.44 12.14 0.48
N TYR A 859 -8.77 12.12 0.54
CA TYR A 859 -9.52 13.34 0.86
C TYR A 859 -10.54 13.03 1.94
N GLU A 860 -10.07 12.59 3.12
CA GLU A 860 -10.93 12.06 4.18
C GLU A 860 -10.82 12.87 5.50
#